data_1XTT
#
_entry.id   1XTT
#
_cell.length_a   58.840
_cell.length_b   97.480
_cell.length_c   73.440
_cell.angle_alpha   90.00
_cell.angle_beta   93.73
_cell.angle_gamma   90.00
#
_symmetry.space_group_name_H-M   'P 1 21 1'
#
loop_
_entity.id
_entity.type
_entity.pdbx_description
1 polymer 'Probable uracil phosphoribosyltransferase'
2 non-polymer "URIDINE-5'-MONOPHOSPHATE"
3 non-polymer 'ACETIC ACID'
4 water water
#
_entity_poly.entity_id   1
_entity_poly.type   'polypeptide(L)'
_entity_poly.pdbx_seq_one_letter_code
;MPLYVIDKPITLHILTQLRDKYTDQINFRKNLVRLGRILGYEISNTLDYEIVEVETPLGVKTKGVDITDLNNIVIINILR
AAVPLVEGLLKAFPKARQGVIGASRVEVDGKEVPKDMDVYIYYKKIPDIRAKVDNVIIADPMIATASTMLKVLEEVVKAN
PKRIYIVSIISSEYGVNKILSKYPFIYLFTVAIDPELNNKGYILPGLGDAGDRAFG
;
_entity_poly.pdbx_strand_id   A,B,C,D
#
loop_
_chem_comp.id
_chem_comp.type
_chem_comp.name
_chem_comp.formula
ACY non-polymer 'ACETIC ACID' 'C2 H4 O2'
U5P non-polymer URIDINE-5'-MONOPHOSPHATE 'C9 H13 N2 O9 P'
#
# COMPACT_ATOMS: atom_id res chain seq x y z
N PRO A 2 -12.88 -2.47 28.77
CA PRO A 2 -13.94 -2.03 27.83
C PRO A 2 -13.96 -2.89 26.58
N LEU A 3 -15.16 -3.22 26.12
CA LEU A 3 -15.31 -4.04 24.92
C LEU A 3 -15.85 -3.18 23.78
N TYR A 4 -15.17 -3.24 22.64
CA TYR A 4 -15.57 -2.50 21.46
C TYR A 4 -15.80 -3.46 20.31
N VAL A 5 -17.07 -3.75 20.03
CA VAL A 5 -17.40 -4.63 18.92
C VAL A 5 -17.67 -3.72 17.73
N ILE A 6 -16.77 -3.78 16.76
CA ILE A 6 -16.88 -2.96 15.56
C ILE A 6 -17.65 -3.79 14.54
N ASP A 7 -18.97 -3.74 14.65
CA ASP A 7 -19.81 -4.54 13.76
C ASP A 7 -20.67 -3.72 12.81
N LYS A 8 -20.04 -2.80 12.10
CA LYS A 8 -20.74 -1.96 11.13
C LYS A 8 -20.86 -2.75 9.83
N PRO A 9 -21.78 -2.36 8.94
CA PRO A 9 -21.97 -3.06 7.67
C PRO A 9 -20.69 -3.46 6.93
N ILE A 10 -19.79 -2.50 6.71
CA ILE A 10 -18.57 -2.81 5.98
C ILE A 10 -17.66 -3.79 6.71
N THR A 11 -17.55 -3.70 8.03
CA THR A 11 -16.69 -4.63 8.75
C THR A 11 -17.31 -6.03 8.74
N LEU A 12 -18.64 -6.10 8.82
CA LEU A 12 -19.30 -7.40 8.79
C LEU A 12 -19.20 -7.97 7.38
N HIS A 13 -19.19 -7.09 6.38
CA HIS A 13 -19.06 -7.52 5.00
C HIS A 13 -17.69 -8.15 4.81
N ILE A 14 -16.67 -7.50 5.33
CA ILE A 14 -15.30 -8.00 5.22
C ILE A 14 -15.16 -9.31 6.00
N LEU A 15 -15.73 -9.34 7.20
CA LEU A 15 -15.67 -10.52 8.04
C LEU A 15 -16.29 -11.71 7.34
N THR A 16 -17.38 -11.47 6.61
CA THR A 16 -18.06 -12.54 5.88
C THR A 16 -17.09 -13.15 4.87
N GLN A 17 -16.30 -12.30 4.21
CA GLN A 17 -15.32 -12.77 3.24
C GLN A 17 -14.29 -13.66 3.94
N LEU A 18 -13.85 -13.22 5.11
CA LEU A 18 -12.86 -13.98 5.87
C LEU A 18 -13.40 -15.34 6.33
N ARG A 19 -14.65 -15.38 6.77
CA ARG A 19 -15.24 -16.63 7.23
C ARG A 19 -15.42 -17.64 6.09
N ASP A 20 -15.86 -17.14 4.94
CA ASP A 20 -16.10 -17.96 3.75
C ASP A 20 -14.91 -18.89 3.50
N LYS A 21 -15.15 -20.18 3.57
CA LYS A 21 -14.08 -21.15 3.35
C LYS A 21 -13.51 -21.13 1.93
N TYR A 22 -14.21 -20.48 1.02
CA TYR A 22 -13.74 -20.42 -0.36
C TYR A 22 -12.85 -19.22 -0.65
N THR A 23 -12.70 -18.33 0.33
CA THR A 23 -11.84 -17.16 0.18
C THR A 23 -10.39 -17.63 0.27
N ASP A 24 -9.64 -17.45 -0.82
CA ASP A 24 -8.25 -17.88 -0.86
C ASP A 24 -7.33 -17.03 0.01
N GLN A 25 -6.05 -17.42 0.07
CA GLN A 25 -5.07 -16.71 0.89
C GLN A 25 -4.89 -15.24 0.51
N ILE A 26 -4.77 -14.97 -0.78
CA ILE A 26 -4.59 -13.59 -1.24
C ILE A 26 -5.72 -12.73 -0.74
N ASN A 27 -6.95 -13.14 -1.00
CA ASN A 27 -8.10 -12.36 -0.58
C ASN A 27 -8.31 -12.35 0.92
N PHE A 28 -7.91 -13.42 1.59
CA PHE A 28 -8.05 -13.48 3.03
C PHE A 28 -7.13 -12.41 3.63
N ARG A 29 -5.89 -12.36 3.13
CA ARG A 29 -4.94 -11.38 3.62
C ARG A 29 -5.39 -9.95 3.29
N LYS A 30 -5.89 -9.76 2.06
CA LYS A 30 -6.35 -8.44 1.65
C LYS A 30 -7.43 -7.91 2.59
N ASN A 31 -8.37 -8.76 2.93
CA ASN A 31 -9.44 -8.36 3.83
C ASN A 31 -8.97 -8.15 5.26
N LEU A 32 -8.00 -8.93 5.70
CA LEU A 32 -7.49 -8.79 7.05
C LEU A 32 -6.73 -7.46 7.17
N VAL A 33 -6.00 -7.08 6.12
CA VAL A 33 -5.29 -5.80 6.15
C VAL A 33 -6.32 -4.69 6.24
N ARG A 34 -7.39 -4.83 5.46
CA ARG A 34 -8.46 -3.83 5.46
C ARG A 34 -9.02 -3.68 6.87
N LEU A 35 -9.22 -4.80 7.57
CA LEU A 35 -9.75 -4.73 8.92
C LEU A 35 -8.74 -4.11 9.87
N GLY A 36 -7.46 -4.31 9.61
CA GLY A 36 -6.44 -3.72 10.45
C GLY A 36 -6.50 -2.21 10.32
N ARG A 37 -6.71 -1.72 9.12
CA ARG A 37 -6.81 -0.28 8.89
C ARG A 37 -8.05 0.25 9.61
N ILE A 38 -9.16 -0.46 9.45
CA ILE A 38 -10.41 -0.03 10.07
C ILE A 38 -10.33 -0.04 11.59
N LEU A 39 -9.81 -1.12 12.15
CA LEU A 39 -9.70 -1.21 13.61
C LEU A 39 -8.73 -0.14 14.12
N GLY A 40 -7.70 0.17 13.33
CA GLY A 40 -6.76 1.21 13.73
C GLY A 40 -7.49 2.53 13.81
N TYR A 41 -8.36 2.76 12.84
CA TYR A 41 -9.17 3.98 12.78
C TYR A 41 -10.07 4.05 14.02
N GLU A 42 -10.77 2.96 14.32
CA GLU A 42 -11.66 2.93 15.47
C GLU A 42 -10.88 3.13 16.78
N ILE A 43 -9.73 2.50 16.89
CA ILE A 43 -8.90 2.63 18.07
C ILE A 43 -8.44 4.08 18.22
N SER A 44 -8.05 4.69 17.11
CA SER A 44 -7.59 6.07 17.12
C SER A 44 -8.61 7.01 17.73
N ASN A 45 -9.89 6.73 17.47
CA ASN A 45 -10.95 7.58 18.00
C ASN A 45 -11.21 7.43 19.49
N THR A 46 -10.46 6.55 20.15
CA THR A 46 -10.60 6.34 21.59
C THR A 46 -9.38 6.85 22.34
N LEU A 47 -8.36 7.29 21.58
CA LEU A 47 -7.14 7.80 22.20
C LEU A 47 -7.36 9.18 22.79
N ASP A 48 -6.53 9.54 23.77
CA ASP A 48 -6.66 10.86 24.37
C ASP A 48 -6.18 11.83 23.30
N TYR A 49 -6.59 13.09 23.40
CA TYR A 49 -6.16 14.07 22.43
C TYR A 49 -6.27 15.47 23.03
N GLU A 50 -5.46 16.38 22.50
CA GLU A 50 -5.46 17.75 22.98
C GLU A 50 -6.01 18.68 21.92
N ILE A 51 -6.58 19.80 22.35
CA ILE A 51 -7.08 20.79 21.43
C ILE A 51 -5.92 21.75 21.24
N VAL A 52 -5.56 22.00 19.99
CA VAL A 52 -4.45 22.89 19.70
C VAL A 52 -4.89 24.04 18.80
N GLU A 53 -3.95 24.93 18.52
CA GLU A 53 -4.22 26.08 17.67
C GLU A 53 -3.32 25.97 16.44
N VAL A 54 -3.91 26.17 15.27
CA VAL A 54 -3.15 26.12 14.02
C VAL A 54 -3.47 27.34 13.19
N GLU A 55 -2.48 27.79 12.42
CA GLU A 55 -2.67 28.94 11.55
C GLU A 55 -2.82 28.46 10.12
N THR A 56 -3.91 28.87 9.47
CA THR A 56 -4.16 28.47 8.10
C THR A 56 -3.49 29.46 7.16
N PRO A 57 -3.43 29.13 5.85
CA PRO A 57 -2.81 30.02 4.87
C PRO A 57 -3.52 31.38 4.76
N LEU A 58 -4.70 31.48 5.35
CA LEU A 58 -5.46 32.72 5.31
C LEU A 58 -5.11 33.68 6.44
N GLY A 59 -4.00 33.41 7.12
CA GLY A 59 -3.55 34.26 8.20
C GLY A 59 -4.42 34.28 9.44
N VAL A 60 -5.29 33.29 9.57
CA VAL A 60 -6.15 33.22 10.75
C VAL A 60 -5.87 31.95 11.53
N LYS A 61 -6.08 32.02 12.83
CA LYS A 61 -5.86 30.89 13.71
C LYS A 61 -7.19 30.24 14.03
N THR A 62 -7.16 28.94 14.28
CA THR A 62 -8.37 28.22 14.61
C THR A 62 -8.01 26.99 15.42
N LYS A 63 -8.98 26.49 16.18
CA LYS A 63 -8.75 25.31 16.99
C LYS A 63 -8.61 24.06 16.16
N GLY A 64 -7.76 23.15 16.61
CA GLY A 64 -7.56 21.90 15.92
C GLY A 64 -7.42 20.81 16.96
N VAL A 65 -7.16 19.60 16.52
CA VAL A 65 -7.00 18.48 17.43
C VAL A 65 -5.64 17.85 17.17
N ASP A 66 -5.00 17.39 18.24
CA ASP A 66 -3.73 16.72 18.10
C ASP A 66 -3.75 15.49 19.00
N ILE A 67 -3.73 14.31 18.40
CA ILE A 67 -3.73 13.08 19.17
C ILE A 67 -2.25 12.75 19.41
N THR A 68 -1.70 13.33 20.46
CA THR A 68 -0.30 13.11 20.80
C THR A 68 0.07 11.65 20.97
N ASP A 69 -0.87 10.85 21.44
CA ASP A 69 -0.58 9.43 21.65
C ASP A 69 -0.28 8.63 20.39
N LEU A 70 -0.52 9.22 19.23
CA LEU A 70 -0.21 8.53 17.98
C LEU A 70 1.30 8.33 17.92
N ASN A 71 2.02 9.12 18.71
CA ASN A 71 3.47 9.02 18.76
C ASN A 71 3.93 7.99 19.78
N ASN A 72 3.01 7.51 20.60
CA ASN A 72 3.35 6.55 21.65
C ASN A 72 2.58 5.25 21.54
N ILE A 73 2.89 4.49 20.50
CA ILE A 73 2.22 3.22 20.26
C ILE A 73 3.20 2.10 20.04
N VAL A 74 2.94 0.95 20.65
CA VAL A 74 3.77 -0.22 20.45
C VAL A 74 2.78 -1.29 20.02
N ILE A 75 2.98 -1.85 18.84
CA ILE A 75 2.09 -2.90 18.36
C ILE A 75 2.79 -4.23 18.49
N ILE A 76 2.14 -5.18 19.16
CA ILE A 76 2.70 -6.52 19.34
C ILE A 76 2.04 -7.45 18.32
N ASN A 77 2.86 -7.94 17.42
CA ASN A 77 2.48 -8.83 16.33
C ASN A 77 2.59 -10.29 16.76
N ILE A 78 1.46 -10.97 16.94
CA ILE A 78 1.52 -12.37 17.31
C ILE A 78 1.52 -13.23 16.05
N LEU A 79 2.71 -13.76 15.72
CA LEU A 79 2.88 -14.60 14.53
C LEU A 79 2.22 -15.96 14.74
N ARG A 80 1.80 -16.61 13.65
CA ARG A 80 1.93 -16.09 12.29
C ARG A 80 0.72 -15.27 11.85
N ALA A 81 -0.45 -15.69 12.31
CA ALA A 81 -1.73 -15.10 11.96
C ALA A 81 -1.90 -13.58 11.95
N ALA A 82 -1.29 -12.90 12.91
CA ALA A 82 -1.45 -11.45 13.01
C ALA A 82 -0.74 -10.59 11.98
N VAL A 83 0.17 -11.17 11.21
CA VAL A 83 0.92 -10.38 10.23
C VAL A 83 0.09 -9.42 9.36
N PRO A 84 -0.96 -9.92 8.67
CA PRO A 84 -1.75 -8.99 7.84
C PRO A 84 -2.53 -7.96 8.67
N LEU A 85 -2.99 -8.37 9.83
CA LEU A 85 -3.74 -7.47 10.70
C LEU A 85 -2.82 -6.33 11.13
N VAL A 86 -1.60 -6.67 11.49
CA VAL A 86 -0.63 -5.67 11.91
C VAL A 86 -0.25 -4.72 10.78
N GLU A 87 -0.13 -5.25 9.57
CA GLU A 87 0.21 -4.41 8.42
C GLU A 87 -0.84 -3.31 8.26
N GLY A 88 -2.11 -3.69 8.47
CA GLY A 88 -3.18 -2.71 8.37
C GLY A 88 -3.14 -1.74 9.54
N LEU A 89 -2.89 -2.24 10.73
CA LEU A 89 -2.80 -1.39 11.92
C LEU A 89 -1.68 -0.38 11.81
N LEU A 90 -0.56 -0.79 11.23
CA LEU A 90 0.58 0.09 11.06
C LEU A 90 0.27 1.25 10.13
N LYS A 91 -0.71 1.06 9.25
CA LYS A 91 -1.11 2.12 8.33
C LYS A 91 -1.81 3.20 9.14
N ALA A 92 -2.51 2.78 10.19
CA ALA A 92 -3.22 3.72 11.05
C ALA A 92 -2.26 4.39 12.02
N PHE A 93 -1.20 3.68 12.41
CA PHE A 93 -0.22 4.20 13.36
C PHE A 93 1.19 4.13 12.77
N PRO A 94 1.49 5.01 11.82
CA PRO A 94 2.82 5.07 11.17
C PRO A 94 4.00 5.23 12.10
N LYS A 95 3.78 5.80 13.28
CA LYS A 95 4.86 6.02 14.25
C LYS A 95 4.94 4.93 15.31
N ALA A 96 4.14 3.88 15.15
CA ALA A 96 4.14 2.79 16.10
C ALA A 96 5.42 1.95 15.99
N ARG A 97 5.96 1.53 17.12
CA ARG A 97 7.12 0.64 17.08
C ARG A 97 6.48 -0.73 17.10
N GLN A 98 7.18 -1.73 16.57
CA GLN A 98 6.62 -3.06 16.53
C GLN A 98 7.42 -4.05 17.36
N GLY A 99 6.70 -5.01 17.93
CA GLY A 99 7.31 -6.07 18.70
C GLY A 99 6.68 -7.33 18.14
N VAL A 100 7.39 -8.45 18.20
CA VAL A 100 6.83 -9.67 17.67
C VAL A 100 6.88 -10.80 18.68
N ILE A 101 5.85 -11.63 18.65
CA ILE A 101 5.76 -12.79 19.52
C ILE A 101 5.28 -13.96 18.68
N GLY A 102 6.09 -15.00 18.63
CA GLY A 102 5.70 -16.18 17.88
C GLY A 102 5.02 -17.11 18.88
N ALA A 103 3.75 -17.39 18.65
CA ALA A 103 2.99 -18.25 19.54
C ALA A 103 2.28 -19.38 18.84
N SER A 104 2.26 -20.53 19.49
CA SER A 104 1.61 -21.71 18.95
C SER A 104 1.01 -22.49 20.11
N ARG A 105 -0.23 -22.92 19.95
CA ARG A 105 -0.92 -23.67 20.99
C ARG A 105 -0.60 -25.15 20.88
N VAL A 106 -0.53 -25.82 22.02
CA VAL A 106 -0.30 -27.25 22.05
C VAL A 106 -1.67 -27.82 21.70
N GLU A 107 -1.77 -28.46 20.55
CA GLU A 107 -3.03 -29.05 20.09
C GLU A 107 -3.68 -29.99 21.10
N VAL A 108 -5.01 -30.05 21.05
CA VAL A 108 -5.78 -30.91 21.94
C VAL A 108 -7.03 -31.40 21.23
N ASP A 109 -7.55 -32.54 21.67
CA ASP A 109 -8.76 -33.14 21.10
C ASP A 109 -9.40 -33.97 22.20
N GLY A 110 -9.90 -33.29 23.22
CA GLY A 110 -10.52 -33.98 24.34
C GLY A 110 -12.01 -34.19 24.23
N LYS A 111 -12.58 -34.79 25.27
CA LYS A 111 -14.01 -35.09 25.34
C LYS A 111 -14.82 -33.84 25.68
N GLU A 112 -14.13 -32.76 26.01
CA GLU A 112 -14.79 -31.52 26.36
C GLU A 112 -14.11 -30.31 25.73
N VAL A 113 -14.83 -29.18 25.72
CA VAL A 113 -14.31 -27.95 25.15
C VAL A 113 -13.20 -27.37 26.03
N PRO A 114 -12.05 -27.03 25.42
CA PRO A 114 -10.90 -26.48 26.13
C PRO A 114 -11.22 -25.19 26.87
N LYS A 115 -10.75 -25.09 28.11
CA LYS A 115 -10.96 -23.91 28.93
C LYS A 115 -9.64 -23.16 28.95
N ASP A 116 -8.57 -23.95 28.89
CA ASP A 116 -7.22 -23.43 28.90
C ASP A 116 -6.41 -24.29 27.94
N MET A 117 -5.29 -23.76 27.49
CA MET A 117 -4.43 -24.50 26.58
C MET A 117 -3.01 -24.00 26.76
N ASP A 118 -2.06 -24.93 26.66
CA ASP A 118 -0.66 -24.57 26.81
C ASP A 118 -0.24 -23.85 25.55
N VAL A 119 0.42 -22.72 25.74
CA VAL A 119 0.90 -21.91 24.63
C VAL A 119 2.40 -21.75 24.76
N TYR A 120 3.12 -22.12 23.72
CA TYR A 120 4.56 -21.95 23.77
C TYR A 120 4.96 -20.81 22.86
N ILE A 121 5.75 -19.92 23.43
CA ILE A 121 6.25 -18.76 22.69
C ILE A 121 7.59 -19.17 22.12
N TYR A 122 7.63 -19.32 20.79
CA TYR A 122 8.86 -19.74 20.13
C TYR A 122 9.75 -18.56 19.71
N TYR A 123 9.22 -17.36 19.79
CA TYR A 123 10.00 -16.18 19.44
C TYR A 123 9.43 -14.98 20.16
N LYS A 124 10.31 -14.10 20.59
CA LYS A 124 9.87 -12.91 21.28
C LYS A 124 10.90 -11.80 21.21
N LYS A 125 10.49 -10.68 20.63
CA LYS A 125 11.36 -9.52 20.52
C LYS A 125 10.42 -8.33 20.59
N ILE A 126 10.42 -7.67 21.75
CA ILE A 126 9.55 -6.53 21.97
C ILE A 126 10.35 -5.30 22.38
N PRO A 127 10.03 -4.14 21.81
CA PRO A 127 10.76 -2.92 22.16
C PRO A 127 10.44 -2.50 23.58
N ASP A 128 11.22 -1.58 24.12
CA ASP A 128 10.99 -1.12 25.48
C ASP A 128 9.68 -0.36 25.54
N ILE A 129 8.78 -0.81 26.40
CA ILE A 129 7.49 -0.15 26.58
C ILE A 129 7.65 0.89 27.67
N ARG A 130 7.28 2.13 27.37
CA ARG A 130 7.41 3.22 28.33
C ARG A 130 6.22 3.30 29.28
N ALA A 131 6.47 2.96 30.54
CA ALA A 131 5.45 2.97 31.56
C ALA A 131 4.67 4.27 31.60
N LYS A 132 3.35 4.15 31.74
CA LYS A 132 2.44 5.30 31.81
C LYS A 132 2.43 6.17 30.55
N VAL A 133 3.17 5.78 29.52
CA VAL A 133 3.22 6.59 28.31
C VAL A 133 2.75 5.86 27.05
N ASP A 134 3.35 4.71 26.77
CA ASP A 134 2.97 3.96 25.59
C ASP A 134 1.62 3.27 25.65
N ASN A 135 0.97 3.24 24.49
CA ASN A 135 -0.31 2.57 24.34
C ASN A 135 0.09 1.30 23.60
N VAL A 136 -0.15 0.16 24.23
CA VAL A 136 0.22 -1.11 23.63
C VAL A 136 -0.97 -1.74 22.95
N ILE A 137 -0.79 -2.14 21.70
CA ILE A 137 -1.84 -2.78 20.93
C ILE A 137 -1.37 -4.20 20.62
N ILE A 138 -2.07 -5.18 21.15
CA ILE A 138 -1.71 -6.58 20.91
C ILE A 138 -2.65 -7.09 19.83
N ALA A 139 -2.09 -7.52 18.72
CA ALA A 139 -2.91 -7.99 17.61
C ALA A 139 -2.88 -9.49 17.37
N ASP A 140 -4.06 -10.08 17.33
CA ASP A 140 -4.20 -11.51 17.05
C ASP A 140 -5.62 -11.66 16.54
N PRO A 141 -5.77 -12.07 15.27
CA PRO A 141 -7.07 -12.27 14.63
C PRO A 141 -8.10 -13.07 15.43
N MET A 142 -7.66 -14.16 16.06
CA MET A 142 -8.58 -15.01 16.80
C MET A 142 -8.29 -15.16 18.28
N ILE A 143 -9.34 -15.06 19.09
CA ILE A 143 -9.21 -15.26 20.52
C ILE A 143 -10.24 -16.34 20.87
N ALA A 144 -9.74 -17.54 21.16
CA ALA A 144 -10.60 -18.67 21.47
C ALA A 144 -10.69 -18.90 22.97
N THR A 145 -9.70 -19.60 23.53
CA THR A 145 -9.68 -19.85 24.98
C THR A 145 -9.03 -18.66 25.66
N ALA A 146 -8.41 -17.80 24.86
CA ALA A 146 -7.72 -16.61 25.35
C ALA A 146 -6.38 -16.97 25.99
N SER A 147 -5.98 -18.23 25.90
CA SER A 147 -4.72 -18.65 26.49
C SER A 147 -3.52 -17.91 25.91
N THR A 148 -3.51 -17.74 24.60
CA THR A 148 -2.41 -17.04 23.93
C THR A 148 -2.34 -15.60 24.41
N MET A 149 -3.49 -14.92 24.38
CA MET A 149 -3.56 -13.53 24.80
C MET A 149 -3.18 -13.38 26.26
N LEU A 150 -3.69 -14.26 27.12
CA LEU A 150 -3.37 -14.17 28.53
C LEU A 150 -1.86 -14.33 28.78
N LYS A 151 -1.22 -15.21 28.01
CA LYS A 151 0.21 -15.40 28.20
C LYS A 151 0.97 -14.15 27.76
N VAL A 152 0.52 -13.52 26.69
CA VAL A 152 1.17 -12.31 26.22
C VAL A 152 0.90 -11.15 27.19
N LEU A 153 -0.33 -11.10 27.72
CA LEU A 153 -0.71 -10.03 28.65
C LEU A 153 0.04 -10.07 29.98
N GLU A 154 0.29 -11.27 30.49
CA GLU A 154 0.99 -11.38 31.76
C GLU A 154 2.30 -10.61 31.73
N GLU A 155 2.93 -10.56 30.55
CA GLU A 155 4.19 -9.85 30.40
C GLU A 155 3.99 -8.36 30.13
N VAL A 156 3.06 -8.03 29.23
CA VAL A 156 2.80 -6.65 28.89
C VAL A 156 2.35 -5.79 30.07
N VAL A 157 1.48 -6.35 30.91
CA VAL A 157 0.98 -5.63 32.07
C VAL A 157 2.10 -5.19 33.01
N LYS A 158 3.17 -5.99 33.07
CA LYS A 158 4.30 -5.65 33.94
C LYS A 158 4.99 -4.37 33.49
N ALA A 159 4.89 -4.05 32.20
CA ALA A 159 5.50 -2.84 31.66
C ALA A 159 4.73 -1.61 32.08
N ASN A 160 3.54 -1.82 32.63
CA ASN A 160 2.70 -0.72 33.11
C ASN A 160 2.42 0.33 32.03
N PRO A 161 2.00 -0.09 30.84
CA PRO A 161 1.71 0.88 29.77
C PRO A 161 0.56 1.79 30.14
N LYS A 162 0.45 2.91 29.44
CA LYS A 162 -0.62 3.86 29.69
C LYS A 162 -1.94 3.16 29.45
N ARG A 163 -2.00 2.39 28.37
CA ARG A 163 -3.21 1.69 28.02
C ARG A 163 -2.89 0.44 27.21
N ILE A 164 -3.75 -0.55 27.31
CA ILE A 164 -3.56 -1.78 26.56
C ILE A 164 -4.78 -2.06 25.71
N TYR A 165 -4.53 -2.24 24.42
CA TYR A 165 -5.58 -2.54 23.46
C TYR A 165 -5.33 -3.94 22.94
N ILE A 166 -6.42 -4.69 22.74
CA ILE A 166 -6.32 -6.02 22.16
C ILE A 166 -7.15 -5.92 20.91
N VAL A 167 -6.56 -6.31 19.78
CA VAL A 167 -7.26 -6.24 18.51
C VAL A 167 -7.39 -7.61 17.91
N SER A 168 -8.63 -8.06 17.75
CA SER A 168 -8.90 -9.36 17.16
C SER A 168 -10.00 -9.18 16.13
N ILE A 169 -10.23 -10.20 15.33
CA ILE A 169 -11.29 -10.15 14.33
C ILE A 169 -12.47 -10.90 14.90
N ILE A 170 -12.19 -12.06 15.49
CA ILE A 170 -13.23 -12.86 16.11
C ILE A 170 -12.74 -13.32 17.46
N SER A 171 -13.59 -13.14 18.46
CA SER A 171 -13.28 -13.57 19.81
C SER A 171 -14.45 -14.41 20.24
N SER A 172 -14.21 -15.40 21.10
CA SER A 172 -15.28 -16.25 21.58
C SER A 172 -15.86 -15.57 22.81
N GLU A 173 -17.10 -15.87 23.15
CA GLU A 173 -17.71 -15.27 24.34
C GLU A 173 -16.85 -15.65 25.55
N TYR A 174 -16.41 -16.90 25.60
CA TYR A 174 -15.58 -17.39 26.69
C TYR A 174 -14.28 -16.58 26.78
N GLY A 175 -13.65 -16.37 25.64
CA GLY A 175 -12.39 -15.63 25.61
C GLY A 175 -12.51 -14.19 26.08
N VAL A 176 -13.52 -13.49 25.59
CA VAL A 176 -13.73 -12.10 25.97
C VAL A 176 -13.97 -12.02 27.48
N ASN A 177 -14.74 -12.97 27.99
CA ASN A 177 -15.04 -13.00 29.42
C ASN A 177 -13.77 -13.24 30.22
N LYS A 178 -12.96 -14.18 29.77
CA LYS A 178 -11.73 -14.52 30.46
C LYS A 178 -10.73 -13.38 30.52
N ILE A 179 -10.66 -12.58 29.46
CA ILE A 179 -9.74 -11.45 29.41
C ILE A 179 -10.22 -10.26 30.25
N LEU A 180 -11.43 -9.79 29.98
CA LEU A 180 -11.97 -8.65 30.70
C LEU A 180 -12.23 -8.88 32.19
N SER A 181 -12.56 -10.11 32.57
CA SER A 181 -12.81 -10.38 33.97
C SER A 181 -11.52 -10.28 34.77
N LYS A 182 -10.40 -10.59 34.10
CA LYS A 182 -9.09 -10.54 34.75
C LYS A 182 -8.43 -9.17 34.58
N TYR A 183 -8.61 -8.57 33.42
CA TYR A 183 -8.05 -7.26 33.12
C TYR A 183 -9.17 -6.38 32.57
N PRO A 184 -10.09 -5.95 33.44
CA PRO A 184 -11.22 -5.10 33.06
C PRO A 184 -10.92 -3.73 32.47
N PHE A 185 -9.66 -3.28 32.54
CA PHE A 185 -9.33 -1.98 32.00
C PHE A 185 -8.70 -2.04 30.61
N ILE A 186 -8.54 -3.25 30.08
CA ILE A 186 -7.99 -3.41 28.74
C ILE A 186 -9.08 -3.05 27.74
N TYR A 187 -8.67 -2.43 26.63
CA TYR A 187 -9.60 -2.06 25.56
C TYR A 187 -9.57 -3.21 24.57
N LEU A 188 -10.63 -4.00 24.55
CA LEU A 188 -10.69 -5.15 23.66
C LEU A 188 -11.55 -4.83 22.44
N PHE A 189 -10.90 -4.84 21.27
CA PHE A 189 -11.57 -4.58 20.01
C PHE A 189 -11.73 -5.87 19.22
N THR A 190 -12.91 -6.07 18.66
CA THR A 190 -13.17 -7.26 17.88
C THR A 190 -14.29 -6.93 16.90
N VAL A 191 -14.45 -7.73 15.86
CA VAL A 191 -15.51 -7.48 14.90
C VAL A 191 -16.74 -8.32 15.25
N ALA A 192 -16.49 -9.54 15.71
CA ALA A 192 -17.59 -10.41 16.08
C ALA A 192 -17.21 -11.27 17.26
N ILE A 193 -18.23 -11.61 18.05
CA ILE A 193 -18.05 -12.47 19.21
C ILE A 193 -18.84 -13.73 18.90
N ASP A 194 -18.14 -14.82 18.65
CA ASP A 194 -18.80 -16.09 18.36
C ASP A 194 -19.10 -16.78 19.69
N PRO A 195 -20.21 -17.52 19.75
CA PRO A 195 -20.69 -18.24 20.94
C PRO A 195 -19.89 -19.40 21.52
N GLU A 196 -19.23 -20.21 20.69
CA GLU A 196 -18.51 -21.35 21.24
C GLU A 196 -17.25 -21.81 20.53
N LEU A 197 -16.65 -22.83 21.11
CA LEU A 197 -15.43 -23.44 20.59
C LEU A 197 -15.73 -24.93 20.42
N ASN A 198 -14.99 -25.61 19.55
CA ASN A 198 -15.20 -27.03 19.38
C ASN A 198 -14.19 -27.72 20.30
N ASN A 199 -14.19 -29.05 20.29
CA ASN A 199 -13.29 -29.82 21.15
C ASN A 199 -11.81 -29.55 20.89
N LYS A 200 -11.50 -28.99 19.73
CA LYS A 200 -10.12 -28.70 19.36
C LYS A 200 -9.71 -27.28 19.74
N GLY A 201 -10.64 -26.54 20.33
CA GLY A 201 -10.32 -25.18 20.73
C GLY A 201 -10.52 -24.17 19.62
N TYR A 202 -11.17 -24.59 18.53
CA TYR A 202 -11.42 -23.69 17.42
C TYR A 202 -12.73 -22.95 17.62
N ILE A 203 -12.80 -21.71 17.14
CA ILE A 203 -13.99 -20.90 17.27
C ILE A 203 -15.06 -21.35 16.28
N LEU A 204 -16.30 -21.43 16.75
CA LEU A 204 -17.43 -21.82 15.93
C LEU A 204 -18.41 -20.66 15.96
N PRO A 205 -18.87 -20.19 14.79
CA PRO A 205 -18.55 -20.63 13.42
C PRO A 205 -17.09 -20.34 13.04
N GLY A 206 -16.53 -19.31 13.65
CA GLY A 206 -15.15 -18.94 13.38
C GLY A 206 -14.79 -18.75 11.92
N LEU A 207 -13.53 -19.06 11.59
CA LEU A 207 -13.03 -18.94 10.22
C LEU A 207 -11.89 -19.90 9.95
N GLY A 208 -11.65 -20.82 10.88
CA GLY A 208 -10.59 -21.80 10.73
C GLY A 208 -9.31 -21.34 11.40
N ASP A 209 -8.17 -21.86 10.95
CA ASP A 209 -6.89 -21.45 11.50
C ASP A 209 -6.47 -20.20 10.74
N ALA A 210 -6.45 -19.06 11.41
CA ALA A 210 -6.09 -17.80 10.77
C ALA A 210 -4.73 -17.85 10.08
N GLY A 211 -3.77 -18.55 10.67
CA GLY A 211 -2.46 -18.64 10.06
C GLY A 211 -2.52 -19.30 8.69
N ASP A 212 -3.19 -20.46 8.63
CA ASP A 212 -3.32 -21.19 7.37
C ASP A 212 -4.19 -20.44 6.36
N ARG A 213 -5.22 -19.76 6.85
CA ARG A 213 -6.11 -19.01 5.95
C ARG A 213 -5.34 -17.92 5.22
N ALA A 214 -4.38 -17.32 5.91
CA ALA A 214 -3.60 -16.23 5.33
C ALA A 214 -2.38 -16.66 4.53
N PHE A 215 -1.68 -17.68 5.00
CA PHE A 215 -0.46 -18.11 4.34
C PHE A 215 -0.39 -19.55 3.86
N GLY A 216 -1.49 -20.28 4.00
CA GLY A 216 -1.51 -21.66 3.56
C GLY A 216 -0.77 -22.59 4.51
N PRO B 2 -29.26 14.57 3.38
CA PRO B 2 -28.66 14.17 4.68
C PRO B 2 -27.27 14.74 4.84
N LEU B 3 -26.97 15.23 6.03
CA LEU B 3 -25.66 15.80 6.33
C LEU B 3 -24.89 14.88 7.27
N TYR B 4 -23.68 14.51 6.87
CA TYR B 4 -22.84 13.64 7.68
C TYR B 4 -21.52 14.32 8.00
N VAL B 5 -21.45 14.96 9.16
CA VAL B 5 -20.21 15.61 9.58
C VAL B 5 -19.40 14.56 10.32
N ILE B 6 -18.31 14.12 9.69
CA ILE B 6 -17.44 13.11 10.27
C ILE B 6 -16.36 13.82 11.07
N ASP B 7 -16.71 14.19 12.29
CA ASP B 7 -15.78 14.91 13.15
C ASP B 7 -15.26 14.08 14.32
N LYS B 8 -14.74 12.90 14.01
CA LYS B 8 -14.19 12.02 15.04
C LYS B 8 -12.77 12.53 15.34
N PRO B 9 -12.21 12.18 16.50
CA PRO B 9 -10.86 12.63 16.84
C PRO B 9 -9.82 12.48 15.74
N ILE B 10 -9.75 11.32 15.09
CA ILE B 10 -8.74 11.13 14.06
C ILE B 10 -8.98 11.97 12.81
N THR B 11 -10.24 12.17 12.41
CA THR B 11 -10.48 12.99 11.23
C THR B 11 -10.18 14.44 11.54
N LEU B 12 -10.45 14.85 12.79
CA LEU B 12 -10.17 16.22 13.20
C LEU B 12 -8.66 16.42 13.32
N HIS B 13 -7.95 15.36 13.70
CA HIS B 13 -6.50 15.41 13.82
C HIS B 13 -5.93 15.62 12.42
N ILE B 14 -6.43 14.84 11.46
CA ILE B 14 -5.96 14.94 10.09
C ILE B 14 -6.31 16.32 9.52
N LEU B 15 -7.54 16.78 9.75
CA LEU B 15 -7.95 18.09 9.25
C LEU B 15 -7.02 19.18 9.77
N THR B 16 -6.60 19.07 11.02
CA THR B 16 -5.72 20.05 11.63
C THR B 16 -4.41 20.13 10.84
N GLN B 17 -3.91 18.97 10.40
CA GLN B 17 -2.68 18.94 9.61
C GLN B 17 -2.93 19.59 8.26
N LEU B 18 -4.13 19.40 7.71
CA LEU B 18 -4.46 19.99 6.42
C LEU B 18 -4.57 21.50 6.52
N ARG B 19 -5.19 22.00 7.59
CA ARG B 19 -5.33 23.45 7.78
C ARG B 19 -3.98 24.12 8.03
N ASP B 20 -3.13 23.46 8.80
CA ASP B 20 -1.82 24.01 9.16
C ASP B 20 -1.05 24.49 7.93
N LYS B 21 -0.71 25.78 7.92
CA LYS B 21 0.01 26.36 6.79
C LYS B 21 1.40 25.74 6.58
N TYR B 22 1.98 25.18 7.65
CA TYR B 22 3.30 24.57 7.58
C TYR B 22 3.31 23.19 6.92
N THR B 23 2.15 22.58 6.73
CA THR B 23 2.08 21.26 6.11
C THR B 23 2.36 21.36 4.62
N ASP B 24 3.48 20.79 4.18
CA ASP B 24 3.86 20.84 2.76
C ASP B 24 2.94 19.98 1.90
N GLN B 25 3.10 20.08 0.57
CA GLN B 25 2.23 19.32 -0.32
C GLN B 25 2.29 17.81 -0.18
N ILE B 26 3.47 17.27 0.13
CA ILE B 26 3.60 15.82 0.28
C ILE B 26 2.72 15.36 1.44
N ASN B 27 2.86 16.01 2.58
CA ASN B 27 2.06 15.67 3.76
C ASN B 27 0.60 16.05 3.62
N PHE B 28 0.33 17.09 2.84
CA PHE B 28 -1.05 17.51 2.61
C PHE B 28 -1.76 16.42 1.81
N ARG B 29 -1.13 15.97 0.73
CA ARG B 29 -1.74 14.92 -0.09
C ARG B 29 -1.87 13.62 0.68
N LYS B 30 -0.87 13.30 1.49
CA LYS B 30 -0.90 12.08 2.29
C LYS B 30 -2.16 12.09 3.16
N ASN B 31 -2.44 13.22 3.79
CA ASN B 31 -3.61 13.31 4.66
C ASN B 31 -4.92 13.29 3.90
N LEU B 32 -4.92 13.82 2.68
CA LEU B 32 -6.13 13.80 1.86
C LEU B 32 -6.44 12.36 1.48
N VAL B 33 -5.41 11.56 1.20
CA VAL B 33 -5.62 10.16 0.85
C VAL B 33 -6.25 9.46 2.05
N ARG B 34 -5.71 9.71 3.25
CA ARG B 34 -6.23 9.10 4.47
C ARG B 34 -7.70 9.44 4.66
N LEU B 35 -8.06 10.70 4.42
CA LEU B 35 -9.45 11.10 4.57
C LEU B 35 -10.33 10.45 3.51
N GLY B 36 -9.77 10.23 2.32
CA GLY B 36 -10.55 9.58 1.28
C GLY B 36 -10.92 8.18 1.74
N ARG B 37 -9.97 7.47 2.33
CA ARG B 37 -10.21 6.12 2.83
C ARG B 37 -11.24 6.15 3.95
N ILE B 38 -11.04 7.06 4.91
CA ILE B 38 -11.94 7.18 6.04
C ILE B 38 -13.36 7.55 5.62
N LEU B 39 -13.49 8.54 4.75
CA LEU B 39 -14.83 8.92 4.32
C LEU B 39 -15.44 7.79 3.51
N GLY B 40 -14.61 7.03 2.79
CA GLY B 40 -15.12 5.90 2.03
C GLY B 40 -15.68 4.87 2.99
N TYR B 41 -14.99 4.67 4.10
CA TYR B 41 -15.42 3.72 5.13
C TYR B 41 -16.76 4.19 5.72
N GLU B 42 -16.85 5.47 6.07
CA GLU B 42 -18.08 6.00 6.66
C GLU B 42 -19.24 5.89 5.67
N ILE B 43 -18.97 6.15 4.39
CA ILE B 43 -20.00 6.05 3.36
C ILE B 43 -20.46 4.60 3.23
N SER B 44 -19.50 3.68 3.21
CA SER B 44 -19.82 2.26 3.08
C SER B 44 -20.83 1.82 4.13
N ASN B 45 -20.75 2.41 5.32
CA ASN B 45 -21.68 2.03 6.37
C ASN B 45 -23.10 2.57 6.24
N THR B 46 -23.35 3.37 5.21
CA THR B 46 -24.70 3.91 4.98
C THR B 46 -25.35 3.22 3.79
N LEU B 47 -24.60 2.34 3.13
CA LEU B 47 -25.11 1.62 1.96
C LEU B 47 -26.05 0.50 2.38
N ASP B 48 -26.90 0.06 1.45
CA ASP B 48 -27.82 -1.04 1.74
C ASP B 48 -26.99 -2.31 1.75
N TYR B 49 -27.46 -3.33 2.44
CA TYR B 49 -26.74 -4.58 2.48
C TYR B 49 -27.69 -5.76 2.55
N GLU B 50 -27.25 -6.91 2.07
CA GLU B 50 -28.08 -8.10 2.08
C GLU B 50 -27.51 -9.12 3.05
N ILE B 51 -28.40 -9.86 3.70
CA ILE B 51 -27.97 -10.90 4.62
C ILE B 51 -27.73 -12.12 3.76
N VAL B 52 -26.56 -12.73 3.93
CA VAL B 52 -26.20 -13.91 3.16
C VAL B 52 -25.74 -15.02 4.10
N GLU B 53 -25.48 -16.18 3.54
CA GLU B 53 -25.02 -17.30 4.32
C GLU B 53 -23.69 -17.78 3.75
N VAL B 54 -22.75 -18.08 4.63
CA VAL B 54 -21.45 -18.58 4.20
C VAL B 54 -21.07 -19.75 5.07
N GLU B 55 -20.25 -20.65 4.53
CA GLU B 55 -19.81 -21.81 5.28
C GLU B 55 -18.36 -21.59 5.64
N THR B 56 -18.04 -21.77 6.91
CA THR B 56 -16.66 -21.59 7.37
C THR B 56 -15.91 -22.90 7.22
N PRO B 57 -14.57 -22.86 7.36
CA PRO B 57 -13.78 -24.09 7.24
C PRO B 57 -14.19 -25.14 8.26
N LEU B 58 -14.89 -24.72 9.30
CA LEU B 58 -15.35 -25.65 10.33
C LEU B 58 -16.54 -26.46 9.84
N GLY B 59 -16.93 -26.23 8.59
CA GLY B 59 -18.04 -26.97 8.02
C GLY B 59 -19.39 -26.54 8.57
N VAL B 60 -19.44 -25.35 9.15
CA VAL B 60 -20.67 -24.84 9.71
C VAL B 60 -21.09 -23.61 8.91
N LYS B 61 -22.40 -23.45 8.73
CA LYS B 61 -22.92 -22.30 8.00
C LYS B 61 -23.33 -21.24 9.01
N THR B 62 -23.18 -19.99 8.63
CA THR B 62 -23.54 -18.89 9.51
C THR B 62 -23.96 -17.68 8.67
N LYS B 63 -24.64 -16.75 9.30
CA LYS B 63 -25.11 -15.56 8.62
C LYS B 63 -23.98 -14.56 8.38
N GLY B 64 -24.04 -13.91 7.22
CA GLY B 64 -23.03 -12.94 6.87
C GLY B 64 -23.69 -11.72 6.26
N VAL B 65 -22.86 -10.78 5.82
CA VAL B 65 -23.35 -9.55 5.21
C VAL B 65 -22.73 -9.38 3.83
N ASP B 66 -23.50 -8.83 2.91
CA ASP B 66 -23.00 -8.59 1.57
C ASP B 66 -23.53 -7.24 1.11
N ILE B 67 -22.64 -6.28 0.93
CA ILE B 67 -23.03 -4.96 0.47
C ILE B 67 -22.89 -4.96 -1.05
N THR B 68 -23.94 -5.39 -1.73
CA THR B 68 -23.93 -5.45 -3.19
C THR B 68 -23.68 -4.09 -3.83
N ASP B 69 -24.08 -3.02 -3.14
CA ASP B 69 -23.87 -1.65 -3.65
C ASP B 69 -22.40 -1.36 -3.96
N LEU B 70 -21.49 -2.13 -3.36
CA LEU B 70 -20.05 -1.92 -3.59
C LEU B 70 -19.67 -2.18 -5.05
N ASN B 71 -20.55 -2.88 -5.77
CA ASN B 71 -20.31 -3.20 -7.17
C ASN B 71 -20.77 -2.09 -8.11
N ASN B 72 -21.59 -1.17 -7.59
CA ASN B 72 -22.14 -0.08 -8.40
C ASN B 72 -21.79 1.30 -7.88
N ILE B 73 -20.58 1.73 -8.16
CA ILE B 73 -20.13 3.03 -7.71
C ILE B 73 -19.37 3.79 -8.78
N VAL B 74 -19.64 5.09 -8.85
CA VAL B 74 -18.96 5.94 -9.80
C VAL B 74 -18.41 7.10 -8.98
N ILE B 75 -17.10 7.27 -9.02
CA ILE B 75 -16.46 8.35 -8.28
C ILE B 75 -16.12 9.47 -9.26
N ILE B 76 -16.52 10.67 -8.93
CA ILE B 76 -16.26 11.82 -9.76
C ILE B 76 -15.25 12.75 -9.10
N ASN B 77 -14.11 12.92 -9.77
CA ASN B 77 -13.04 13.78 -9.28
C ASN B 77 -13.24 15.20 -9.81
N ILE B 78 -13.65 16.13 -8.95
CA ILE B 78 -13.79 17.51 -9.40
C ILE B 78 -12.36 18.04 -9.40
N LEU B 79 -11.93 18.51 -10.56
CA LEU B 79 -10.57 19.00 -10.74
C LEU B 79 -10.15 20.22 -9.93
N ARG B 80 -9.19 20.00 -9.06
CA ARG B 80 -8.60 21.04 -8.22
C ARG B 80 -7.58 20.37 -7.31
N ALA B 81 -8.08 19.55 -6.38
CA ALA B 81 -7.22 18.83 -5.46
C ALA B 81 -7.91 17.55 -4.97
N ALA B 82 -8.73 16.96 -5.83
CA ALA B 82 -9.45 15.76 -5.46
C ALA B 82 -8.72 14.46 -5.79
N VAL B 83 -7.68 14.55 -6.64
CA VAL B 83 -6.94 13.35 -7.00
C VAL B 83 -6.56 12.50 -5.78
N PRO B 84 -5.99 13.12 -4.73
CA PRO B 84 -5.61 12.35 -3.54
C PRO B 84 -6.83 11.84 -2.77
N LEU B 85 -7.89 12.63 -2.75
CA LEU B 85 -9.11 12.26 -2.05
C LEU B 85 -9.72 11.05 -2.76
N VAL B 86 -9.73 11.09 -4.08
CA VAL B 86 -10.29 9.99 -4.88
C VAL B 86 -9.43 8.74 -4.78
N GLU B 87 -8.11 8.91 -4.64
CA GLU B 87 -7.22 7.77 -4.50
C GLU B 87 -7.68 6.97 -3.29
N GLY B 88 -7.98 7.69 -2.21
CA GLY B 88 -8.45 7.04 -0.99
C GLY B 88 -9.81 6.40 -1.17
N LEU B 89 -10.72 7.11 -1.82
CA LEU B 89 -12.06 6.59 -2.04
C LEU B 89 -12.03 5.34 -2.92
N LEU B 90 -11.13 5.34 -3.90
CA LEU B 90 -11.02 4.20 -4.80
C LEU B 90 -10.46 2.99 -4.06
N LYS B 91 -9.70 3.22 -3.00
CA LYS B 91 -9.17 2.10 -2.22
C LYS B 91 -10.35 1.52 -1.46
N ALA B 92 -11.25 2.40 -1.01
CA ALA B 92 -12.44 1.99 -0.28
C ALA B 92 -13.44 1.29 -1.20
N PHE B 93 -13.48 1.72 -2.47
CA PHE B 93 -14.41 1.15 -3.44
C PHE B 93 -13.66 0.73 -4.71
N PRO B 94 -12.90 -0.36 -4.64
CA PRO B 94 -12.12 -0.87 -5.77
C PRO B 94 -12.90 -1.11 -7.06
N LYS B 95 -14.17 -1.47 -6.94
CA LYS B 95 -14.98 -1.74 -8.12
C LYS B 95 -15.58 -0.49 -8.77
N ALA B 96 -15.33 0.66 -8.15
CA ALA B 96 -15.87 1.89 -8.68
C ALA B 96 -15.21 2.32 -9.97
N ARG B 97 -15.98 2.98 -10.83
CA ARG B 97 -15.43 3.53 -12.06
C ARG B 97 -15.16 4.96 -11.65
N GLN B 98 -14.23 5.63 -12.30
CA GLN B 98 -13.90 6.98 -11.92
C GLN B 98 -13.87 7.95 -13.08
N GLY B 99 -14.38 9.16 -12.84
CA GLY B 99 -14.40 10.17 -13.86
C GLY B 99 -13.80 11.45 -13.33
N VAL B 100 -13.65 12.43 -14.22
CA VAL B 100 -13.12 13.72 -13.84
C VAL B 100 -14.02 14.77 -14.47
N ILE B 101 -14.10 15.92 -13.82
CA ILE B 101 -14.90 17.01 -14.33
C ILE B 101 -14.32 18.28 -13.74
N GLY B 102 -14.27 19.32 -14.55
CA GLY B 102 -13.74 20.58 -14.09
C GLY B 102 -14.72 21.67 -14.43
N ALA B 103 -14.88 22.61 -13.49
CA ALA B 103 -15.79 23.73 -13.69
C ALA B 103 -15.02 25.00 -13.38
N SER B 104 -15.35 26.08 -14.10
CA SER B 104 -14.66 27.33 -13.90
C SER B 104 -15.60 28.51 -14.16
N ARG B 105 -15.24 29.67 -13.65
CA ARG B 105 -16.04 30.86 -13.85
C ARG B 105 -15.57 31.45 -15.18
N VAL B 106 -16.41 32.26 -15.81
CA VAL B 106 -16.04 32.86 -17.08
C VAL B 106 -16.02 34.39 -16.97
N PRO B 114 -22.23 33.46 -0.18
CA PRO B 114 -22.08 34.88 -0.54
C PRO B 114 -21.59 35.08 -1.96
N LYS B 115 -21.97 34.18 -2.86
CA LYS B 115 -21.58 34.27 -4.26
C LYS B 115 -22.36 33.28 -5.11
N ASP B 116 -22.91 33.77 -6.21
CA ASP B 116 -23.68 32.94 -7.12
C ASP B 116 -23.11 33.05 -8.53
N MET B 117 -21.88 33.55 -8.64
CA MET B 117 -21.22 33.71 -9.93
C MET B 117 -21.31 32.38 -10.67
N ASP B 118 -21.80 32.43 -11.90
CA ASP B 118 -21.98 31.22 -12.70
C ASP B 118 -20.69 30.56 -13.16
N VAL B 119 -20.64 29.24 -13.02
CA VAL B 119 -19.47 28.47 -13.44
C VAL B 119 -19.90 27.56 -14.57
N TYR B 120 -18.93 27.10 -15.37
CA TYR B 120 -19.24 26.22 -16.47
C TYR B 120 -18.24 25.08 -16.55
N ILE B 121 -18.73 23.93 -16.98
CA ILE B 121 -17.90 22.74 -17.11
C ILE B 121 -16.98 22.88 -18.31
N TYR B 122 -15.68 22.97 -18.06
CA TYR B 122 -14.71 23.10 -19.14
C TYR B 122 -14.21 21.75 -19.64
N TYR B 123 -14.31 20.73 -18.80
CA TYR B 123 -13.90 19.40 -19.19
C TYR B 123 -14.64 18.36 -18.39
N LYS B 124 -14.98 17.26 -19.04
CA LYS B 124 -15.70 16.20 -18.37
C LYS B 124 -15.52 14.87 -19.06
N LYS B 125 -15.21 13.84 -18.27
CA LYS B 125 -15.07 12.50 -18.79
C LYS B 125 -15.53 11.60 -17.65
N ILE B 126 -16.81 11.28 -17.68
CA ILE B 126 -17.43 10.46 -16.65
C ILE B 126 -17.96 9.17 -17.25
N PRO B 127 -17.69 8.03 -16.61
CA PRO B 127 -18.17 6.74 -17.11
C PRO B 127 -19.69 6.68 -17.05
N ASP B 128 -20.28 5.84 -17.88
CA ASP B 128 -21.74 5.70 -17.92
C ASP B 128 -22.27 5.43 -16.51
N ILE B 129 -23.28 6.21 -16.12
CA ILE B 129 -23.90 6.05 -14.81
C ILE B 129 -25.22 5.30 -15.02
N ARG B 130 -25.39 4.18 -14.34
CA ARG B 130 -26.61 3.40 -14.47
C ARG B 130 -27.71 3.94 -13.57
N ALA B 131 -28.80 4.38 -14.19
CA ALA B 131 -29.93 4.94 -13.47
C ALA B 131 -30.50 3.96 -12.45
N LYS B 132 -30.86 4.49 -11.27
CA LYS B 132 -31.45 3.71 -10.19
C LYS B 132 -30.56 2.59 -9.64
N VAL B 133 -29.35 2.48 -10.15
CA VAL B 133 -28.45 1.42 -9.69
C VAL B 133 -27.15 1.96 -9.08
N ASP B 134 -26.50 2.85 -9.80
CA ASP B 134 -25.23 3.41 -9.33
C ASP B 134 -25.31 4.43 -8.20
N ASN B 135 -24.32 4.35 -7.32
CA ASN B 135 -24.17 5.27 -6.20
C ASN B 135 -23.04 6.17 -6.68
N VAL B 136 -23.34 7.45 -6.90
CA VAL B 136 -22.32 8.37 -7.37
C VAL B 136 -21.71 9.14 -6.20
N ILE B 137 -20.38 9.17 -6.17
CA ILE B 137 -19.66 9.86 -5.12
C ILE B 137 -18.87 10.99 -5.77
N ILE B 138 -19.20 12.23 -5.42
CA ILE B 138 -18.54 13.39 -5.98
C ILE B 138 -17.57 13.92 -4.94
N ALA B 139 -16.30 13.97 -5.31
CA ALA B 139 -15.27 14.43 -4.40
C ALA B 139 -14.65 15.78 -4.73
N ASP B 140 -14.54 16.61 -3.71
CA ASP B 140 -13.92 17.91 -3.81
C ASP B 140 -13.62 18.27 -2.36
N PRO B 141 -12.34 18.40 -2.02
CA PRO B 141 -11.96 18.73 -0.64
C PRO B 141 -12.59 19.99 -0.07
N MET B 142 -12.96 20.94 -0.93
CA MET B 142 -13.56 22.19 -0.46
C MET B 142 -14.85 22.59 -1.15
N ILE B 143 -15.84 22.99 -0.35
CA ILE B 143 -17.12 23.46 -0.88
C ILE B 143 -17.29 24.84 -0.28
N ALA B 144 -17.10 25.87 -1.11
CA ALA B 144 -17.20 27.25 -0.65
C ALA B 144 -18.54 27.87 -1.01
N THR B 145 -18.63 28.43 -2.21
CA THR B 145 -19.89 29.04 -2.64
C THR B 145 -20.81 27.94 -3.13
N ALA B 146 -20.22 26.76 -3.36
CA ALA B 146 -20.94 25.59 -3.85
C ALA B 146 -21.32 25.69 -5.32
N SER B 147 -20.90 26.76 -5.97
CA SER B 147 -21.21 26.94 -7.39
C SER B 147 -20.69 25.77 -8.20
N THR B 148 -19.46 25.35 -7.90
CA THR B 148 -18.86 24.24 -8.62
C THR B 148 -19.63 22.95 -8.36
N MET B 149 -19.86 22.63 -7.10
CA MET B 149 -20.59 21.41 -6.77
C MET B 149 -22.00 21.41 -7.37
N LEU B 150 -22.68 22.54 -7.32
CA LEU B 150 -24.03 22.62 -7.88
C LEU B 150 -24.01 22.39 -9.38
N LYS B 151 -23.01 22.95 -10.05
CA LYS B 151 -22.89 22.78 -11.49
C LYS B 151 -22.68 21.31 -11.84
N VAL B 152 -21.82 20.63 -11.08
CA VAL B 152 -21.55 19.22 -11.32
C VAL B 152 -22.80 18.39 -11.02
N LEU B 153 -23.48 18.73 -9.93
CA LEU B 153 -24.69 18.02 -9.54
C LEU B 153 -25.77 18.12 -10.61
N GLU B 154 -25.86 19.28 -11.24
CA GLU B 154 -26.83 19.49 -12.30
C GLU B 154 -26.67 18.41 -13.35
N GLU B 155 -25.42 18.08 -13.64
CA GLU B 155 -25.08 17.05 -14.62
C GLU B 155 -25.40 15.67 -14.07
N VAL B 156 -24.91 15.38 -12.88
CA VAL B 156 -25.09 14.07 -12.24
C VAL B 156 -26.55 13.70 -11.97
N VAL B 157 -27.34 14.63 -11.46
CA VAL B 157 -28.74 14.32 -11.16
C VAL B 157 -29.51 13.85 -12.40
N LYS B 158 -29.04 14.24 -13.59
CA LYS B 158 -29.69 13.84 -14.83
C LYS B 158 -29.61 12.34 -15.04
N ALA B 159 -28.51 11.74 -14.60
CA ALA B 159 -28.29 10.30 -14.74
C ALA B 159 -29.21 9.49 -13.84
N ASN B 160 -29.94 10.18 -12.97
CA ASN B 160 -30.88 9.53 -12.06
C ASN B 160 -30.25 8.35 -11.30
N PRO B 161 -29.06 8.56 -10.71
CA PRO B 161 -28.42 7.46 -9.98
C PRO B 161 -29.22 7.04 -8.74
N LYS B 162 -28.90 5.87 -8.22
CA LYS B 162 -29.59 5.38 -7.03
C LYS B 162 -29.36 6.35 -5.87
N ARG B 163 -28.12 6.76 -5.69
CA ARG B 163 -27.77 7.71 -4.64
C ARG B 163 -26.64 8.61 -5.06
N ILE B 164 -26.57 9.78 -4.44
CA ILE B 164 -25.50 10.71 -4.73
C ILE B 164 -24.86 11.10 -3.40
N TYR B 165 -23.56 10.88 -3.31
CA TYR B 165 -22.78 11.22 -2.14
C TYR B 165 -21.81 12.31 -2.54
N ILE B 166 -21.56 13.23 -1.61
CA ILE B 166 -20.61 14.29 -1.84
C ILE B 166 -19.56 14.08 -0.77
N VAL B 167 -18.29 14.07 -1.16
CA VAL B 167 -17.21 13.90 -0.21
C VAL B 167 -16.35 15.15 -0.24
N SER B 168 -16.35 15.86 0.87
CA SER B 168 -15.56 17.08 1.01
C SER B 168 -14.88 17.05 2.36
N ILE B 169 -13.87 17.89 2.53
CA ILE B 169 -13.16 17.94 3.81
C ILE B 169 -13.73 19.11 4.58
N ILE B 170 -13.78 20.28 3.95
CA ILE B 170 -14.33 21.47 4.58
C ILE B 170 -15.42 22.04 3.69
N SER B 171 -16.59 22.25 4.27
CA SER B 171 -17.71 22.83 3.55
C SER B 171 -18.12 24.07 4.32
N SER B 172 -18.60 25.09 3.61
CA SER B 172 -19.04 26.31 4.27
C SER B 172 -20.49 26.11 4.70
N GLU B 173 -20.93 26.80 5.74
CA GLU B 173 -22.32 26.69 6.18
C GLU B 173 -23.20 27.06 4.99
N TYR B 174 -22.82 28.12 4.29
CA TYR B 174 -23.55 28.59 3.13
C TYR B 174 -23.70 27.49 2.08
N GLY B 175 -22.59 26.85 1.75
CA GLY B 175 -22.61 25.80 0.75
C GLY B 175 -23.41 24.59 1.17
N VAL B 176 -23.28 24.20 2.43
CA VAL B 176 -24.01 23.04 2.92
C VAL B 176 -25.51 23.27 2.78
N ASN B 177 -25.96 24.43 3.23
CA ASN B 177 -27.37 24.75 3.15
C ASN B 177 -27.85 24.87 1.71
N LYS B 178 -27.06 25.51 0.86
CA LYS B 178 -27.47 25.69 -0.53
C LYS B 178 -27.62 24.37 -1.27
N ILE B 179 -26.68 23.45 -1.05
CA ILE B 179 -26.73 22.15 -1.71
C ILE B 179 -27.86 21.27 -1.19
N LEU B 180 -27.93 21.11 0.13
CA LEU B 180 -28.96 20.25 0.71
C LEU B 180 -30.38 20.81 0.63
N SER B 181 -30.51 22.10 0.36
CA SER B 181 -31.84 22.69 0.23
C SER B 181 -32.35 22.39 -1.17
N LYS B 182 -31.46 22.44 -2.15
CA LYS B 182 -31.83 22.17 -3.53
C LYS B 182 -31.99 20.67 -3.77
N TYR B 183 -31.09 19.88 -3.20
CA TYR B 183 -31.13 18.42 -3.36
C TYR B 183 -31.10 17.77 -1.99
N PRO B 184 -32.25 17.72 -1.30
CA PRO B 184 -32.34 17.13 0.03
C PRO B 184 -32.02 15.63 0.13
N PHE B 185 -31.99 14.95 -1.01
CA PHE B 185 -31.73 13.51 -1.05
C PHE B 185 -30.24 13.18 -1.08
N ILE B 186 -29.40 14.18 -1.33
CA ILE B 186 -27.97 13.99 -1.40
C ILE B 186 -27.34 13.71 -0.03
N TYR B 187 -26.36 12.82 -0.01
CA TYR B 187 -25.65 12.46 1.22
C TYR B 187 -24.35 13.26 1.22
N LEU B 188 -24.33 14.34 2.01
CA LEU B 188 -23.16 15.19 2.06
C LEU B 188 -22.26 14.85 3.24
N PHE B 189 -21.07 14.35 2.93
CA PHE B 189 -20.08 13.99 3.94
C PHE B 189 -19.01 15.05 3.95
N THR B 190 -18.65 15.52 5.14
CA THR B 190 -17.63 16.54 5.29
C THR B 190 -17.02 16.36 6.67
N VAL B 191 -15.79 16.85 6.85
CA VAL B 191 -15.15 16.72 8.14
C VAL B 191 -15.49 17.93 9.01
N ALA B 192 -15.56 19.10 8.39
CA ALA B 192 -15.88 20.30 9.12
C ALA B 192 -16.69 21.27 8.30
N ILE B 193 -17.48 22.09 8.97
CA ILE B 193 -18.29 23.10 8.32
C ILE B 193 -17.83 24.43 8.87
N ASP B 194 -17.14 25.20 8.03
CA ASP B 194 -16.64 26.50 8.45
C ASP B 194 -17.72 27.54 8.25
N PRO B 195 -17.74 28.56 9.10
CA PRO B 195 -18.73 29.65 9.08
C PRO B 195 -18.78 30.65 7.95
N GLU B 196 -17.63 31.04 7.40
CA GLU B 196 -17.67 32.07 6.38
C GLU B 196 -16.76 31.91 5.16
N LEU B 197 -16.96 32.82 4.22
CA LEU B 197 -16.18 32.89 2.99
C LEU B 197 -15.68 34.32 2.89
N ASN B 198 -14.42 34.52 2.51
CA ASN B 198 -13.94 35.88 2.40
C ASN B 198 -14.39 36.46 1.06
N ASN B 199 -13.97 37.69 0.77
CA ASN B 199 -14.35 38.37 -0.46
C ASN B 199 -13.93 37.68 -1.75
N LYS B 200 -12.92 36.82 -1.66
CA LYS B 200 -12.44 36.11 -2.84
C LYS B 200 -12.99 34.69 -2.95
N GLY B 201 -13.94 34.35 -2.08
CA GLY B 201 -14.52 33.03 -2.14
C GLY B 201 -13.80 31.95 -1.34
N TYR B 202 -12.79 32.34 -0.57
CA TYR B 202 -12.06 31.36 0.25
C TYR B 202 -12.82 31.06 1.53
N ILE B 203 -12.73 29.82 1.98
CA ILE B 203 -13.38 29.42 3.21
C ILE B 203 -12.49 29.88 4.36
N LEU B 204 -13.11 30.47 5.38
CA LEU B 204 -12.39 30.93 6.56
C LEU B 204 -12.96 30.15 7.75
N PRO B 205 -12.09 29.59 8.59
CA PRO B 205 -10.61 29.62 8.53
C PRO B 205 -10.07 28.84 7.34
N GLY B 206 -10.82 27.83 6.92
CA GLY B 206 -10.41 27.01 5.78
C GLY B 206 -9.03 26.40 5.84
N LEU B 207 -8.41 26.24 4.68
CA LEU B 207 -7.07 25.68 4.59
C LEU B 207 -6.33 26.20 3.36
N GLY B 208 -6.87 27.26 2.77
CA GLY B 208 -6.26 27.86 1.59
C GLY B 208 -6.80 27.24 0.31
N ASP B 209 -6.07 27.42 -0.79
CA ASP B 209 -6.45 26.88 -2.08
C ASP B 209 -5.96 25.43 -2.07
N ALA B 210 -6.90 24.49 -2.05
CA ALA B 210 -6.53 23.08 -2.00
C ALA B 210 -5.61 22.66 -3.15
N GLY B 211 -5.76 23.30 -4.30
CA GLY B 211 -4.91 22.96 -5.43
C GLY B 211 -3.47 23.30 -5.15
N ASP B 212 -3.25 24.50 -4.61
CA ASP B 212 -1.93 24.97 -4.26
C ASP B 212 -1.33 24.13 -3.14
N ARG B 213 -2.16 23.79 -2.15
CA ARG B 213 -1.69 23.00 -1.01
C ARG B 213 -1.25 21.60 -1.40
N ALA B 214 -1.94 21.01 -2.39
CA ALA B 214 -1.63 19.66 -2.82
C ALA B 214 -0.57 19.53 -3.90
N PHE B 215 -0.56 20.46 -4.86
CA PHE B 215 0.39 20.37 -5.96
C PHE B 215 1.27 21.59 -6.17
N GLY B 216 1.27 22.51 -5.22
CA GLY B 216 2.08 23.70 -5.36
C GLY B 216 3.43 23.57 -4.68
N PRO C 2 18.57 9.52 -23.72
CA PRO C 2 18.78 8.06 -23.72
C PRO C 2 17.48 7.28 -23.56
N LEU C 3 17.45 6.09 -24.15
CA LEU C 3 16.28 5.24 -24.09
C LEU C 3 16.54 4.04 -23.19
N TYR C 4 15.63 3.80 -22.26
CA TYR C 4 15.74 2.67 -21.36
C TYR C 4 14.49 1.79 -21.50
N VAL C 5 14.65 0.67 -22.19
CA VAL C 5 13.53 -0.25 -22.35
C VAL C 5 13.65 -1.28 -21.25
N ILE C 6 12.71 -1.25 -20.32
CA ILE C 6 12.72 -2.18 -19.20
C ILE C 6 11.86 -3.37 -19.57
N ASP C 7 12.48 -4.32 -20.27
CA ASP C 7 11.77 -5.49 -20.73
C ASP C 7 12.26 -6.81 -20.15
N LYS C 8 12.28 -6.88 -18.82
CA LYS C 8 12.71 -8.09 -18.13
C LYS C 8 11.47 -8.99 -18.05
N PRO C 9 11.66 -10.29 -17.81
CA PRO C 9 10.54 -11.23 -17.72
C PRO C 9 9.35 -10.76 -16.90
N ILE C 10 9.60 -10.26 -15.70
CA ILE C 10 8.48 -9.82 -14.86
C ILE C 10 7.75 -8.59 -15.39
N THR C 11 8.47 -7.65 -16.00
CA THR C 11 7.81 -6.47 -16.53
C THR C 11 7.01 -6.85 -17.78
N LEU C 12 7.53 -7.79 -18.56
CA LEU C 12 6.80 -8.23 -19.76
C LEU C 12 5.57 -9.03 -19.32
N HIS C 13 5.71 -9.77 -18.21
CA HIS C 13 4.60 -10.54 -17.67
C HIS C 13 3.50 -9.56 -17.24
N ILE C 14 3.89 -8.51 -16.52
CA ILE C 14 2.93 -7.52 -16.06
C ILE C 14 2.32 -6.80 -17.26
N LEU C 15 3.16 -6.39 -18.21
CA LEU C 15 2.68 -5.72 -19.40
C LEU C 15 1.65 -6.58 -20.14
N THR C 16 1.86 -7.89 -20.13
CA THR C 16 0.93 -8.80 -20.81
C THR C 16 -0.46 -8.67 -20.18
N GLN C 17 -0.50 -8.53 -18.86
CA GLN C 17 -1.78 -8.38 -18.16
C GLN C 17 -2.44 -7.05 -18.57
N LEU C 18 -1.63 -6.00 -18.69
CA LEU C 18 -2.16 -4.70 -19.07
C LEU C 18 -2.71 -4.70 -20.48
N ARG C 19 -2.04 -5.41 -21.39
CA ARG C 19 -2.49 -5.48 -22.78
C ARG C 19 -3.78 -6.26 -22.92
N ASP C 20 -3.87 -7.38 -22.21
CA ASP C 20 -5.05 -8.25 -22.24
C ASP C 20 -6.34 -7.46 -22.06
N LYS C 21 -7.18 -7.48 -23.08
CA LYS C 21 -8.46 -6.76 -23.02
C LYS C 21 -9.36 -7.27 -21.91
N TYR C 22 -9.10 -8.49 -21.44
CA TYR C 22 -9.92 -9.09 -20.39
C TYR C 22 -9.54 -8.70 -18.96
N THR C 23 -8.43 -7.98 -18.81
CA THR C 23 -7.99 -7.54 -17.49
C THR C 23 -8.88 -6.37 -17.07
N ASP C 24 -9.60 -6.53 -15.95
CA ASP C 24 -10.49 -5.48 -15.47
C ASP C 24 -9.78 -4.25 -14.94
N GLN C 25 -10.56 -3.25 -14.54
CA GLN C 25 -10.01 -2.01 -14.02
C GLN C 25 -9.14 -2.21 -12.79
N ILE C 26 -9.64 -2.98 -11.83
CA ILE C 26 -8.90 -3.24 -10.61
C ILE C 26 -7.52 -3.83 -10.88
N ASN C 27 -7.47 -4.88 -11.71
CA ASN C 27 -6.21 -5.52 -12.00
C ASN C 27 -5.33 -4.69 -12.93
N PHE C 28 -5.95 -3.85 -13.75
CA PHE C 28 -5.17 -3.01 -14.64
C PHE C 28 -4.45 -2.00 -13.74
N ARG C 29 -5.17 -1.38 -12.82
CA ARG C 29 -4.55 -0.41 -11.91
C ARG C 29 -3.48 -1.08 -11.06
N LYS C 30 -3.79 -2.26 -10.53
CA LYS C 30 -2.85 -2.98 -9.70
C LYS C 30 -1.53 -3.21 -10.43
N ASN C 31 -1.62 -3.66 -11.68
CA ASN C 31 -0.42 -3.92 -12.45
C ASN C 31 0.30 -2.65 -12.87
N LEU C 32 -0.43 -1.58 -13.10
CA LEU C 32 0.19 -0.33 -13.49
C LEU C 32 0.95 0.22 -12.28
N VAL C 33 0.40 0.04 -11.08
CA VAL C 33 1.08 0.51 -9.87
C VAL C 33 2.39 -0.26 -9.74
N ARG C 34 2.33 -1.57 -9.98
CA ARG C 34 3.51 -2.42 -9.91
C ARG C 34 4.58 -1.93 -10.87
N LEU C 35 4.17 -1.54 -12.08
CA LEU C 35 5.14 -1.06 -13.05
C LEU C 35 5.71 0.28 -12.62
N GLY C 36 4.91 1.06 -11.92
CA GLY C 36 5.37 2.36 -11.45
C GLY C 36 6.48 2.14 -10.43
N ARG C 37 6.31 1.15 -9.56
CA ARG C 37 7.30 0.83 -8.54
C ARG C 37 8.57 0.35 -9.24
N ILE C 38 8.40 -0.56 -10.18
CA ILE C 38 9.52 -1.13 -10.91
C ILE C 38 10.26 -0.08 -11.72
N LEU C 39 9.53 0.79 -12.42
CA LEU C 39 10.17 1.82 -13.21
C LEU C 39 10.87 2.82 -12.29
N GLY C 40 10.30 3.03 -11.10
CA GLY C 40 10.91 3.94 -10.15
C GLY C 40 12.25 3.36 -9.71
N TYR C 41 12.24 2.06 -9.46
CA TYR C 41 13.44 1.33 -9.08
C TYR C 41 14.50 1.46 -10.18
N GLU C 42 14.11 1.23 -11.43
CA GLU C 42 15.06 1.32 -12.54
C GLU C 42 15.58 2.75 -12.70
N ILE C 43 14.69 3.72 -12.56
CA ILE C 43 15.09 5.12 -12.68
C ILE C 43 16.08 5.44 -11.56
N SER C 44 15.79 4.97 -10.35
CA SER C 44 16.65 5.22 -9.20
C SER C 44 18.09 4.78 -9.46
N ASN C 45 18.25 3.69 -10.19
CA ASN C 45 19.59 3.19 -10.48
C ASN C 45 20.36 4.01 -11.50
N THR C 46 19.76 5.08 -12.01
CA THR C 46 20.43 5.94 -12.97
C THR C 46 20.71 7.32 -12.36
N LEU C 47 20.15 7.57 -11.18
CA LEU C 47 20.35 8.85 -10.51
C LEU C 47 21.76 9.02 -10.01
N ASP C 48 22.20 10.26 -9.88
CA ASP C 48 23.54 10.53 -9.37
C ASP C 48 23.54 10.11 -7.91
N TYR C 49 24.68 9.65 -7.42
CA TYR C 49 24.76 9.24 -6.03
C TYR C 49 26.15 9.51 -5.50
N GLU C 50 26.28 9.56 -4.18
CA GLU C 50 27.57 9.81 -3.55
C GLU C 50 27.94 8.68 -2.62
N ILE C 51 29.24 8.47 -2.47
CA ILE C 51 29.74 7.44 -1.57
C ILE C 51 29.87 8.15 -0.24
N VAL C 52 29.28 7.58 0.80
CA VAL C 52 29.35 8.17 2.12
C VAL C 52 29.93 7.17 3.12
N GLU C 53 30.07 7.60 4.36
CA GLU C 53 30.58 6.74 5.41
C GLU C 53 29.46 6.54 6.42
N VAL C 54 29.31 5.31 6.89
CA VAL C 54 28.25 5.01 7.85
C VAL C 54 28.78 4.13 8.97
N GLU C 55 28.36 4.43 10.21
CA GLU C 55 28.79 3.67 11.37
C GLU C 55 27.76 2.60 11.67
N THR C 56 28.20 1.35 11.76
CA THR C 56 27.27 0.26 12.06
C THR C 56 27.26 0.04 13.57
N PRO C 57 26.29 -0.74 14.08
CA PRO C 57 26.21 -1.00 15.52
C PRO C 57 27.43 -1.74 16.06
N LEU C 58 28.23 -2.29 15.15
CA LEU C 58 29.44 -3.01 15.54
C LEU C 58 30.59 -2.06 15.85
N GLY C 59 30.28 -0.77 15.90
CA GLY C 59 31.30 0.22 16.21
C GLY C 59 32.32 0.48 15.11
N VAL C 60 32.04 0.03 13.89
CA VAL C 60 32.97 0.25 12.80
C VAL C 60 32.32 1.09 11.70
N LYS C 61 33.16 1.78 10.94
CA LYS C 61 32.68 2.61 9.84
C LYS C 61 32.93 1.88 8.54
N THR C 62 32.06 2.08 7.55
CA THR C 62 32.24 1.42 6.27
C THR C 62 31.63 2.27 5.17
N LYS C 63 32.00 1.97 3.94
CA LYS C 63 31.50 2.73 2.80
C LYS C 63 30.02 2.45 2.54
N GLY C 64 29.32 3.47 2.08
CA GLY C 64 27.91 3.32 1.78
C GLY C 64 27.56 4.21 0.60
N VAL C 65 26.30 4.21 0.22
CA VAL C 65 25.86 5.03 -0.90
C VAL C 65 24.70 5.91 -0.47
N ASP C 66 24.63 7.10 -1.04
CA ASP C 66 23.55 8.02 -0.75
C ASP C 66 23.09 8.66 -2.05
N ILE C 67 21.90 8.29 -2.50
CA ILE C 67 21.34 8.88 -3.72
C ILE C 67 20.64 10.15 -3.24
N THR C 68 21.42 11.21 -3.07
CA THR C 68 20.89 12.47 -2.59
C THR C 68 19.75 12.99 -3.43
N ASP C 69 19.79 12.74 -4.74
CA ASP C 69 18.72 13.23 -5.60
C ASP C 69 17.35 12.64 -5.33
N LEU C 70 17.28 11.65 -4.43
CA LEU C 70 15.98 11.09 -4.06
C LEU C 70 15.20 12.21 -3.40
N ASN C 71 15.91 13.23 -2.94
CA ASN C 71 15.29 14.38 -2.28
C ASN C 71 14.95 15.47 -3.28
N ASN C 72 15.41 15.35 -4.52
CA ASN C 72 15.17 16.38 -5.51
C ASN C 72 14.41 15.84 -6.72
N ILE C 73 13.16 15.46 -6.50
CA ILE C 73 12.34 14.89 -7.56
C ILE C 73 10.98 15.58 -7.64
N VAL C 74 10.54 15.83 -8.87
CA VAL C 74 9.23 16.40 -9.10
C VAL C 74 8.60 15.44 -10.10
N ILE C 75 7.46 14.88 -9.74
CA ILE C 75 6.78 13.97 -10.65
C ILE C 75 5.58 14.67 -11.23
N ILE C 76 5.48 14.68 -12.55
CA ILE C 76 4.35 15.32 -13.20
C ILE C 76 3.40 14.21 -13.61
N ASN C 77 2.21 14.25 -13.03
CA ASN C 77 1.15 13.29 -13.23
C ASN C 77 0.22 13.72 -14.35
N ILE C 78 0.26 13.04 -15.50
CA ILE C 78 -0.63 13.42 -16.59
C ILE C 78 -1.96 12.69 -16.45
N LEU C 79 -2.98 13.43 -16.02
CA LEU C 79 -4.32 12.90 -15.83
C LEU C 79 -4.96 12.67 -17.20
N ARG C 80 -5.86 11.69 -17.28
CA ARG C 80 -6.23 10.89 -16.11
C ARG C 80 -5.56 9.53 -16.04
N ALA C 81 -4.93 9.10 -17.14
CA ALA C 81 -4.32 7.78 -17.19
C ALA C 81 -3.10 7.51 -16.31
N ALA C 82 -2.29 8.52 -16.06
CA ALA C 82 -1.07 8.32 -15.27
C ALA C 82 -1.24 8.10 -13.77
N VAL C 83 -2.43 8.35 -13.24
CA VAL C 83 -2.66 8.21 -11.80
C VAL C 83 -2.06 6.96 -11.14
N PRO C 84 -2.41 5.75 -11.61
CA PRO C 84 -1.85 4.54 -10.98
C PRO C 84 -0.34 4.42 -11.16
N LEU C 85 0.16 4.86 -12.30
CA LEU C 85 1.58 4.80 -12.60
C LEU C 85 2.32 5.69 -11.62
N VAL C 86 1.76 6.87 -11.37
CA VAL C 86 2.34 7.83 -10.44
C VAL C 86 2.31 7.28 -9.02
N GLU C 87 1.21 6.60 -8.68
CA GLU C 87 1.08 6.02 -7.34
C GLU C 87 2.26 5.08 -7.09
N GLY C 88 2.61 4.30 -8.10
CA GLY C 88 3.73 3.37 -7.98
C GLY C 88 5.04 4.14 -7.92
N LEU C 89 5.19 5.14 -8.77
CA LEU C 89 6.41 5.95 -8.79
C LEU C 89 6.66 6.63 -7.45
N LEU C 90 5.58 7.09 -6.81
CA LEU C 90 5.70 7.76 -5.53
C LEU C 90 6.18 6.81 -4.43
N LYS C 91 6.02 5.51 -4.65
CA LYS C 91 6.49 4.54 -3.67
C LYS C 91 8.01 4.48 -3.73
N ALA C 92 8.56 4.70 -4.92
CA ALA C 92 10.00 4.68 -5.11
C ALA C 92 10.62 6.01 -4.74
N PHE C 93 9.83 7.08 -4.84
CA PHE C 93 10.31 8.43 -4.53
C PHE C 93 9.36 9.10 -3.55
N PRO C 94 9.34 8.63 -2.30
CA PRO C 94 8.46 9.19 -1.27
C PRO C 94 8.66 10.68 -0.96
N LYS C 95 9.81 11.23 -1.35
CA LYS C 95 10.09 12.63 -1.10
C LYS C 95 9.84 13.50 -2.35
N ALA C 96 9.29 12.90 -3.39
CA ALA C 96 9.02 13.66 -4.61
C ALA C 96 7.83 14.58 -4.43
N ARG C 97 7.92 15.78 -4.99
CA ARG C 97 6.77 16.68 -4.95
C ARG C 97 6.02 16.30 -6.21
N GLN C 98 4.72 16.53 -6.22
CA GLN C 98 3.93 16.17 -7.38
C GLN C 98 3.24 17.35 -8.03
N GLY C 99 3.13 17.27 -9.35
CA GLY C 99 2.47 18.30 -10.13
C GLY C 99 1.48 17.52 -10.98
N VAL C 100 0.41 18.16 -11.42
CA VAL C 100 -0.57 17.47 -12.24
C VAL C 100 -0.92 18.27 -13.48
N ILE C 101 -1.14 17.56 -14.57
CA ILE C 101 -1.51 18.17 -15.83
C ILE C 101 -2.63 17.32 -16.40
N GLY C 102 -3.77 17.94 -16.68
CA GLY C 102 -4.87 17.21 -17.27
C GLY C 102 -4.77 17.41 -18.76
N ALA C 103 -4.62 16.33 -19.50
CA ALA C 103 -4.49 16.43 -20.95
C ALA C 103 -5.46 15.51 -21.67
N SER C 104 -5.99 15.99 -22.78
CA SER C 104 -6.93 15.20 -23.57
C SER C 104 -6.71 15.53 -25.04
N ARG C 105 -6.47 14.51 -25.86
CA ARG C 105 -6.24 14.73 -27.28
C ARG C 105 -7.53 14.95 -28.04
N VAL C 106 -7.49 15.88 -28.99
CA VAL C 106 -8.65 16.15 -29.83
C VAL C 106 -8.68 14.92 -30.75
N GLU C 107 -9.78 14.16 -30.69
CA GLU C 107 -9.90 12.95 -31.49
C GLU C 107 -9.89 13.22 -33.00
N VAL C 108 -9.37 12.24 -33.76
CA VAL C 108 -9.31 12.33 -35.21
C VAL C 108 -9.78 11.00 -35.80
N ASP C 109 -10.44 11.05 -36.95
CA ASP C 109 -10.95 9.83 -37.57
C ASP C 109 -10.05 9.29 -38.67
N GLY C 110 -10.45 8.16 -39.23
CA GLY C 110 -9.68 7.54 -40.29
C GLY C 110 -9.45 8.43 -41.49
N LYS C 111 -8.19 8.78 -41.72
CA LYS C 111 -7.80 9.64 -42.84
C LYS C 111 -6.38 9.25 -43.20
N GLU C 112 -5.48 9.46 -42.25
CA GLU C 112 -4.06 9.15 -42.37
C GLU C 112 -3.58 8.96 -40.95
N VAL C 113 -2.68 8.01 -40.73
CA VAL C 113 -2.16 7.78 -39.39
C VAL C 113 -1.63 9.12 -38.87
N PRO C 114 -2.18 9.60 -37.75
CA PRO C 114 -1.78 10.87 -37.16
C PRO C 114 -0.27 10.97 -36.90
N LYS C 115 0.31 12.11 -37.22
CA LYS C 115 1.73 12.34 -37.00
C LYS C 115 1.85 13.25 -35.79
N ASP C 116 0.79 14.02 -35.55
CA ASP C 116 0.72 14.92 -34.44
C ASP C 116 -0.75 15.18 -34.18
N MET C 117 -1.08 15.64 -32.99
CA MET C 117 -2.46 15.91 -32.67
C MET C 117 -2.59 17.09 -31.73
N ASP C 118 -3.78 17.67 -31.72
CA ASP C 118 -4.04 18.81 -30.85
C ASP C 118 -4.30 18.25 -29.46
N VAL C 119 -3.60 18.79 -28.48
CA VAL C 119 -3.76 18.35 -27.11
C VAL C 119 -4.33 19.49 -26.29
N TYR C 120 -5.45 19.22 -25.64
CA TYR C 120 -6.11 20.20 -24.82
C TYR C 120 -5.66 20.00 -23.37
N ILE C 121 -5.04 21.02 -22.80
CA ILE C 121 -4.60 20.95 -21.42
C ILE C 121 -5.72 21.61 -20.60
N TYR C 122 -6.46 20.79 -19.87
CA TYR C 122 -7.59 21.29 -19.09
C TYR C 122 -7.28 21.57 -17.63
N TYR C 123 -6.10 21.17 -17.16
CA TYR C 123 -5.72 21.43 -15.79
C TYR C 123 -4.21 21.40 -15.65
N LYS C 124 -3.67 22.32 -14.87
CA LYS C 124 -2.24 22.35 -14.65
C LYS C 124 -1.89 23.00 -13.34
N LYS C 125 -1.16 22.28 -12.52
CA LYS C 125 -0.71 22.78 -11.24
C LYS C 125 0.59 22.05 -10.99
N ILE C 126 1.71 22.74 -11.21
CA ILE C 126 3.04 22.16 -11.05
C ILE C 126 3.84 22.91 -9.98
N PRO C 127 4.55 22.17 -9.12
CA PRO C 127 5.36 22.81 -8.07
C PRO C 127 6.53 23.54 -8.69
N ASP C 128 7.20 24.37 -7.91
CA ASP C 128 8.34 25.10 -8.42
C ASP C 128 9.43 24.09 -8.71
N ILE C 129 9.97 24.13 -9.93
CA ILE C 129 11.05 23.22 -10.30
C ILE C 129 12.36 23.98 -10.14
N ARG C 130 13.26 23.42 -9.33
CA ARG C 130 14.54 24.08 -9.08
C ARG C 130 15.52 23.81 -10.20
N ALA C 131 15.82 24.86 -10.96
CA ALA C 131 16.74 24.75 -12.09
C ALA C 131 18.06 24.12 -11.68
N LYS C 132 18.52 23.18 -12.51
CA LYS C 132 19.79 22.48 -12.30
C LYS C 132 19.84 21.60 -11.05
N VAL C 133 18.75 21.50 -10.32
CA VAL C 133 18.76 20.70 -9.10
C VAL C 133 17.74 19.56 -9.14
N ASP C 134 16.52 19.90 -9.49
CA ASP C 134 15.46 18.90 -9.54
C ASP C 134 15.50 17.97 -10.74
N ASN C 135 15.07 16.74 -10.50
CA ASN C 135 14.97 15.72 -11.53
C ASN C 135 13.46 15.63 -11.75
N VAL C 136 13.02 15.94 -12.97
CA VAL C 136 11.60 15.90 -13.27
C VAL C 136 11.25 14.60 -13.97
N ILE C 137 10.21 13.94 -13.46
CA ILE C 137 9.75 12.68 -14.03
C ILE C 137 8.33 12.92 -14.55
N ILE C 138 8.15 12.81 -15.86
CA ILE C 138 6.84 13.02 -16.46
C ILE C 138 6.28 11.63 -16.69
N ALA C 139 5.15 11.36 -16.07
CA ALA C 139 4.52 10.06 -16.17
C ALA C 139 3.27 10.02 -17.03
N ASP C 140 3.27 9.13 -18.01
CA ASP C 140 2.12 8.91 -18.88
C ASP C 140 2.29 7.52 -19.48
N PRO C 141 1.39 6.60 -19.13
CA PRO C 141 1.41 5.22 -19.61
C PRO C 141 1.62 5.02 -21.10
N MET C 142 1.00 5.88 -21.92
CA MET C 142 1.11 5.72 -23.36
C MET C 142 1.65 6.92 -24.11
N ILE C 143 2.57 6.65 -25.02
CA ILE C 143 3.14 7.69 -25.86
C ILE C 143 2.89 7.19 -27.28
N ALA C 144 1.96 7.86 -27.98
CA ALA C 144 1.60 7.47 -29.34
C ALA C 144 2.27 8.39 -30.34
N THR C 145 1.66 9.56 -30.58
CA THR C 145 2.23 10.53 -31.51
C THR C 145 3.24 11.40 -30.77
N ALA C 146 3.24 11.29 -29.44
CA ALA C 146 4.11 12.07 -28.57
C ALA C 146 3.62 13.51 -28.46
N SER C 147 2.45 13.79 -29.02
CA SER C 147 1.90 15.14 -28.98
C SER C 147 1.70 15.62 -27.55
N THR C 148 1.15 14.75 -26.71
CA THR C 148 0.90 15.10 -25.31
C THR C 148 2.21 15.36 -24.58
N MET C 149 3.17 14.45 -24.76
CA MET C 149 4.45 14.58 -24.09
C MET C 149 5.19 15.83 -24.56
N LEU C 150 5.18 16.08 -25.86
CA LEU C 150 5.86 17.26 -26.39
C LEU C 150 5.25 18.55 -25.84
N LYS C 151 3.94 18.57 -25.67
CA LYS C 151 3.29 19.77 -25.14
C LYS C 151 3.70 20.01 -23.69
N VAL C 152 3.85 18.92 -22.93
CA VAL C 152 4.25 19.07 -21.54
C VAL C 152 5.74 19.42 -21.44
N LEU C 153 6.56 18.82 -22.30
CA LEU C 153 7.99 19.08 -22.31
C LEU C 153 8.33 20.53 -22.63
N GLU C 154 7.58 21.11 -23.56
CA GLU C 154 7.80 22.51 -23.95
C GLU C 154 7.92 23.40 -22.72
N GLU C 155 7.06 23.16 -21.74
CA GLU C 155 7.06 23.94 -20.51
C GLU C 155 8.11 23.47 -19.50
N VAL C 156 8.23 22.16 -19.34
CA VAL C 156 9.20 21.62 -18.40
C VAL C 156 10.64 21.99 -18.73
N VAL C 157 11.00 21.96 -20.00
CA VAL C 157 12.36 22.28 -20.41
C VAL C 157 12.75 23.71 -20.06
N LYS C 158 11.77 24.60 -20.02
CA LYS C 158 12.04 26.00 -19.68
C LYS C 158 12.51 26.14 -18.24
N ALA C 159 12.13 25.18 -17.39
CA ALA C 159 12.52 25.22 -15.98
C ALA C 159 13.98 24.81 -15.82
N ASN C 160 14.56 24.31 -16.90
CA ASN C 160 15.97 23.88 -16.89
C ASN C 160 16.28 22.94 -15.74
N PRO C 161 15.49 21.87 -15.58
CA PRO C 161 15.79 20.94 -14.48
C PRO C 161 17.12 20.23 -14.70
N LYS C 162 17.65 19.64 -13.64
CA LYS C 162 18.91 18.90 -13.72
C LYS C 162 18.78 17.79 -14.74
N ARG C 163 17.64 17.14 -14.75
CA ARG C 163 17.42 16.03 -15.67
C ARG C 163 15.92 15.81 -15.87
N ILE C 164 15.57 15.30 -17.04
CA ILE C 164 14.17 15.03 -17.33
C ILE C 164 14.00 13.57 -17.68
N TYR C 165 13.12 12.90 -16.96
CA TYR C 165 12.79 11.50 -17.19
C TYR C 165 11.36 11.44 -17.69
N ILE C 166 11.11 10.56 -18.64
CA ILE C 166 9.77 10.35 -19.15
C ILE C 166 9.50 8.87 -18.87
N VAL C 167 8.40 8.59 -18.20
CA VAL C 167 8.08 7.22 -17.86
C VAL C 167 6.76 6.82 -18.48
N SER C 168 6.82 5.81 -19.34
CA SER C 168 5.62 5.31 -20.00
C SER C 168 5.66 3.81 -19.93
N ILE C 169 4.54 3.16 -20.26
CA ILE C 169 4.48 1.72 -20.26
C ILE C 169 4.74 1.27 -21.69
N ILE C 170 3.99 1.87 -22.61
CA ILE C 170 4.15 1.58 -24.02
C ILE C 170 4.33 2.89 -24.79
N SER C 171 5.30 2.89 -25.69
CA SER C 171 5.57 4.04 -26.53
C SER C 171 5.65 3.51 -27.94
N SER C 172 5.26 4.32 -28.92
CA SER C 172 5.35 3.88 -30.30
C SER C 172 6.73 4.21 -30.83
N GLU C 173 7.16 3.51 -31.87
CA GLU C 173 8.46 3.77 -32.47
C GLU C 173 8.50 5.24 -32.89
N TYR C 174 7.38 5.69 -33.47
CA TYR C 174 7.27 7.08 -33.92
C TYR C 174 7.42 8.06 -32.74
N GLY C 175 6.70 7.79 -31.66
CA GLY C 175 6.75 8.64 -30.49
C GLY C 175 8.14 8.74 -29.87
N VAL C 176 8.80 7.60 -29.71
CA VAL C 176 10.13 7.60 -29.14
C VAL C 176 11.08 8.43 -30.00
N ASN C 177 10.97 8.28 -31.31
CA ASN C 177 11.81 9.04 -32.23
C ASN C 177 11.55 10.54 -32.15
N LYS C 178 10.28 10.91 -32.11
CA LYS C 178 9.90 12.31 -32.05
C LYS C 178 10.41 12.99 -30.79
N ILE C 179 10.39 12.28 -29.68
CA ILE C 179 10.86 12.85 -28.42
C ILE C 179 12.39 12.96 -28.33
N LEU C 180 13.09 11.86 -28.56
CA LEU C 180 14.54 11.87 -28.47
C LEU C 180 15.25 12.66 -29.55
N SER C 181 14.68 12.71 -30.75
CA SER C 181 15.31 13.47 -31.82
C SER C 181 15.29 14.96 -31.50
N LYS C 182 14.25 15.39 -30.79
CA LYS C 182 14.10 16.79 -30.39
C LYS C 182 14.76 17.08 -29.05
N TYR C 183 14.69 16.12 -28.13
CA TYR C 183 15.29 16.26 -26.82
C TYR C 183 16.13 15.02 -26.53
N PRO C 184 17.31 14.92 -27.17
CA PRO C 184 18.27 13.81 -27.05
C PRO C 184 18.77 13.52 -25.65
N PHE C 185 18.64 14.47 -24.75
CA PHE C 185 19.15 14.28 -23.39
C PHE C 185 18.12 13.83 -22.38
N ILE C 186 16.88 13.64 -22.83
CA ILE C 186 15.83 13.18 -21.94
C ILE C 186 16.02 11.69 -21.72
N TYR C 187 15.74 11.24 -20.51
CA TYR C 187 15.85 9.82 -20.17
C TYR C 187 14.46 9.24 -20.33
N LEU C 188 14.23 8.53 -21.43
CA LEU C 188 12.92 7.95 -21.71
C LEU C 188 12.85 6.49 -21.29
N PHE C 189 11.99 6.20 -20.33
CA PHE C 189 11.79 4.85 -19.83
C PHE C 189 10.48 4.29 -20.33
N THR C 190 10.51 3.05 -20.80
CA THR C 190 9.31 2.42 -21.30
C THR C 190 9.50 0.92 -21.15
N VAL C 191 8.40 0.17 -21.20
CA VAL C 191 8.48 -1.28 -21.06
C VAL C 191 8.54 -1.91 -22.44
N ALA C 192 7.80 -1.33 -23.38
CA ALA C 192 7.78 -1.85 -24.73
C ALA C 192 7.59 -0.73 -25.74
N ILE C 193 8.13 -0.96 -26.93
CA ILE C 193 8.00 -0.01 -28.02
C ILE C 193 7.19 -0.70 -29.10
N ASP C 194 5.96 -0.27 -29.30
CA ASP C 194 5.11 -0.87 -30.33
C ASP C 194 5.39 -0.18 -31.66
N PRO C 195 5.34 -0.94 -32.75
CA PRO C 195 5.59 -0.47 -34.12
C PRO C 195 4.70 0.59 -34.77
N GLU C 196 3.41 0.61 -34.45
CA GLU C 196 2.57 1.60 -35.12
C GLU C 196 1.37 2.13 -34.38
N LEU C 197 0.68 3.05 -35.06
CA LEU C 197 -0.52 3.69 -34.55
C LEU C 197 -1.61 3.42 -35.58
N ASN C 198 -2.86 3.34 -35.15
CA ASN C 198 -3.93 3.14 -36.11
C ASN C 198 -4.33 4.53 -36.58
N ASN C 199 -5.39 4.62 -37.38
CA ASN C 199 -5.83 5.90 -37.91
C ASN C 199 -6.37 6.89 -36.88
N LYS C 200 -6.67 6.41 -35.68
CA LYS C 200 -7.20 7.30 -34.64
C LYS C 200 -6.11 7.67 -33.62
N GLY C 201 -4.87 7.31 -33.91
CA GLY C 201 -3.77 7.65 -33.02
C GLY C 201 -3.53 6.69 -31.87
N TYR C 202 -4.15 5.53 -31.92
CA TYR C 202 -3.96 4.54 -30.88
C TYR C 202 -2.79 3.63 -31.20
N ILE C 203 -2.06 3.23 -30.17
CA ILE C 203 -0.91 2.36 -30.34
C ILE C 203 -1.37 0.94 -30.65
N LEU C 204 -0.70 0.32 -31.63
CA LEU C 204 -1.01 -1.06 -32.04
C LEU C 204 0.26 -1.88 -31.84
N PRO C 205 0.15 -3.03 -31.15
CA PRO C 205 -1.06 -3.60 -30.56
C PRO C 205 -1.55 -2.83 -29.33
N GLY C 206 -0.64 -2.14 -28.67
CA GLY C 206 -0.99 -1.33 -27.51
C GLY C 206 -1.78 -1.98 -26.40
N LEU C 207 -2.66 -1.19 -25.77
CA LEU C 207 -3.51 -1.69 -24.67
C LEU C 207 -4.83 -0.93 -24.57
N GLY C 208 -5.09 -0.07 -25.55
CA GLY C 208 -6.33 0.71 -25.57
C GLY C 208 -6.16 2.07 -24.93
N ASP C 209 -7.27 2.67 -24.49
CA ASP C 209 -7.19 3.97 -23.84
C ASP C 209 -6.82 3.67 -22.40
N ALA C 210 -5.61 4.08 -22.01
CA ALA C 210 -5.15 3.81 -20.65
C ALA C 210 -6.09 4.34 -19.57
N GLY C 211 -6.68 5.51 -19.81
CA GLY C 211 -7.59 6.06 -18.83
C GLY C 211 -8.78 5.15 -18.59
N ASP C 212 -9.43 4.73 -19.66
CA ASP C 212 -10.59 3.85 -19.54
C ASP C 212 -10.21 2.49 -18.97
N ARG C 213 -9.04 1.98 -19.35
CA ARG C 213 -8.59 0.68 -18.86
C ARG C 213 -8.46 0.68 -17.33
N ALA C 214 -8.05 1.81 -16.78
CA ALA C 214 -7.86 1.92 -15.35
C ALA C 214 -9.08 2.38 -14.56
N PHE C 215 -9.87 3.28 -15.14
CA PHE C 215 -11.02 3.82 -14.41
C PHE C 215 -12.40 3.63 -15.02
N GLY C 216 -12.46 3.03 -16.20
CA GLY C 216 -13.75 2.81 -16.85
C GLY C 216 -14.21 4.00 -17.65
N PRO D 2 24.26 -20.80 -7.75
CA PRO D 2 24.57 -19.46 -8.31
C PRO D 2 24.46 -18.33 -7.29
N LEU D 3 25.33 -17.33 -7.47
CA LEU D 3 25.36 -16.17 -6.58
C LEU D 3 24.88 -14.94 -7.33
N TYR D 4 23.92 -14.24 -6.72
CA TYR D 4 23.36 -13.03 -7.31
C TYR D 4 23.51 -11.88 -6.33
N VAL D 5 24.56 -11.09 -6.50
CA VAL D 5 24.75 -9.94 -5.63
C VAL D 5 24.03 -8.80 -6.31
N ILE D 6 22.98 -8.31 -5.66
CA ILE D 6 22.17 -7.23 -6.18
C ILE D 6 22.70 -5.96 -5.54
N ASP D 7 23.71 -5.38 -6.18
CA ASP D 7 24.36 -4.18 -5.67
C ASP D 7 24.19 -2.99 -6.60
N LYS D 8 22.93 -2.64 -6.87
CA LYS D 8 22.64 -1.51 -7.72
C LYS D 8 22.58 -0.30 -6.80
N PRO D 9 22.72 0.91 -7.34
CA PRO D 9 22.68 2.12 -6.52
C PRO D 9 21.57 2.17 -5.46
N ILE D 10 20.35 1.85 -5.84
CA ILE D 10 19.26 1.93 -4.88
C ILE D 10 19.34 0.88 -3.76
N THR D 11 19.76 -0.34 -4.07
CA THR D 11 19.86 -1.35 -3.02
C THR D 11 21.01 -0.99 -2.06
N LEU D 12 22.08 -0.42 -2.60
CA LEU D 12 23.21 -0.01 -1.77
C LEU D 12 22.79 1.19 -0.92
N HIS D 13 21.94 2.04 -1.47
CA HIS D 13 21.44 3.19 -0.75
C HIS D 13 20.62 2.68 0.44
N ILE D 14 19.71 1.75 0.15
CA ILE D 14 18.88 1.19 1.20
C ILE D 14 19.74 0.42 2.21
N LEU D 15 20.71 -0.33 1.73
CA LEU D 15 21.59 -1.07 2.63
C LEU D 15 22.31 -0.10 3.57
N THR D 16 22.73 1.04 3.03
CA THR D 16 23.42 2.03 3.85
C THR D 16 22.55 2.48 5.02
N GLN D 17 21.25 2.64 4.77
CA GLN D 17 20.31 3.04 5.81
C GLN D 17 20.17 1.92 6.84
N LEU D 18 20.22 0.67 6.38
CA LEU D 18 20.10 -0.46 7.29
C LEU D 18 21.34 -0.56 8.18
N ARG D 19 22.52 -0.35 7.60
CA ARG D 19 23.76 -0.41 8.37
C ARG D 19 23.85 0.71 9.40
N ASP D 20 23.42 1.91 9.01
CA ASP D 20 23.47 3.08 9.89
C ASP D 20 22.89 2.77 11.26
N LYS D 21 23.73 2.83 12.29
CA LYS D 21 23.27 2.53 13.64
C LYS D 21 22.20 3.50 14.14
N TYR D 22 22.09 4.65 13.49
CA TYR D 22 21.11 5.65 13.87
C TYR D 22 19.71 5.42 13.30
N THR D 23 19.60 4.48 12.37
CA THR D 23 18.30 4.18 11.76
C THR D 23 17.46 3.38 12.76
N ASP D 24 16.35 3.97 13.21
CA ASP D 24 15.46 3.33 14.17
C ASP D 24 14.76 2.12 13.58
N GLN D 25 14.04 1.37 14.41
CA GLN D 25 13.36 0.18 13.94
C GLN D 25 12.27 0.42 12.91
N ILE D 26 11.57 1.54 13.03
CA ILE D 26 10.52 1.84 12.06
C ILE D 26 11.12 1.95 10.67
N ASN D 27 12.18 2.76 10.54
CA ASN D 27 12.83 2.92 9.25
C ASN D 27 13.63 1.69 8.84
N PHE D 28 14.16 0.96 9.82
CA PHE D 28 14.91 -0.26 9.50
C PHE D 28 13.94 -1.24 8.85
N ARG D 29 12.78 -1.43 9.47
CA ARG D 29 11.79 -2.35 8.91
C ARG D 29 11.27 -1.89 7.56
N LYS D 30 11.07 -0.59 7.41
CA LYS D 30 10.59 -0.03 6.15
C LYS D 30 11.55 -0.38 5.03
N ASN D 31 12.85 -0.23 5.29
CA ASN D 31 13.85 -0.53 4.30
C ASN D 31 13.95 -2.03 4.01
N LEU D 32 13.69 -2.86 5.01
CA LEU D 32 13.73 -4.29 4.80
C LEU D 32 12.59 -4.70 3.86
N VAL D 33 11.40 -4.12 4.06
CA VAL D 33 10.27 -4.43 3.21
C VAL D 33 10.63 -4.06 1.78
N ARG D 34 11.22 -2.88 1.61
CA ARG D 34 11.63 -2.40 0.30
C ARG D 34 12.55 -3.41 -0.39
N LEU D 35 13.54 -3.91 0.35
CA LEU D 35 14.47 -4.88 -0.22
C LEU D 35 13.78 -6.20 -0.52
N GLY D 36 12.77 -6.54 0.26
CA GLY D 36 12.02 -7.75 0.02
C GLY D 36 11.37 -7.65 -1.36
N ARG D 37 10.78 -6.48 -1.64
CA ARG D 37 10.14 -6.25 -2.92
C ARG D 37 11.16 -6.28 -4.04
N ILE D 38 12.27 -5.57 -3.86
CA ILE D 38 13.31 -5.51 -4.88
C ILE D 38 13.93 -6.87 -5.16
N LEU D 39 14.26 -7.61 -4.11
CA LEU D 39 14.85 -8.93 -4.31
C LEU D 39 13.82 -9.85 -4.94
N GLY D 40 12.54 -9.62 -4.64
CA GLY D 40 11.50 -10.44 -5.23
C GLY D 40 11.44 -10.18 -6.74
N TYR D 41 11.61 -8.91 -7.11
CA TYR D 41 11.61 -8.49 -8.50
C TYR D 41 12.80 -9.15 -9.21
N GLU D 42 13.98 -9.05 -8.61
CA GLU D 42 15.19 -9.64 -9.19
C GLU D 42 15.05 -11.16 -9.31
N ILE D 43 14.45 -11.79 -8.30
CA ILE D 43 14.26 -13.24 -8.34
C ILE D 43 13.29 -13.58 -9.49
N SER D 44 12.22 -12.81 -9.58
CA SER D 44 11.20 -13.02 -10.62
C SER D 44 11.82 -13.08 -12.01
N ASN D 45 12.86 -12.28 -12.22
CA ASN D 45 13.51 -12.24 -13.53
C ASN D 45 14.41 -13.42 -13.84
N THR D 46 14.53 -14.37 -12.92
CA THR D 46 15.34 -15.56 -13.15
C THR D 46 14.45 -16.78 -13.33
N LEU D 47 13.14 -16.60 -13.17
CA LEU D 47 12.20 -17.71 -13.33
C LEU D 47 11.94 -18.03 -14.79
N ASP D 48 11.40 -19.21 -15.05
CA ASP D 48 11.08 -19.61 -16.41
C ASP D 48 9.81 -18.90 -16.82
N TYR D 49 9.61 -18.71 -18.12
CA TYR D 49 8.39 -18.07 -18.57
C TYR D 49 7.98 -18.68 -19.90
N GLU D 50 6.68 -18.63 -20.16
CA GLU D 50 6.17 -19.18 -21.40
C GLU D 50 5.66 -18.05 -22.26
N ILE D 51 5.68 -18.26 -23.57
CA ILE D 51 5.18 -17.27 -24.51
C ILE D 51 3.70 -17.55 -24.66
N VAL D 52 2.90 -16.49 -24.62
CA VAL D 52 1.47 -16.62 -24.76
C VAL D 52 0.97 -15.55 -25.70
N GLU D 53 -0.30 -15.62 -26.06
CA GLU D 53 -0.89 -14.62 -26.93
C GLU D 53 -1.99 -13.92 -26.15
N VAL D 54 -2.10 -12.62 -26.31
CA VAL D 54 -3.15 -11.87 -25.65
C VAL D 54 -3.79 -10.96 -26.69
N GLU D 55 -5.09 -10.71 -26.52
CA GLU D 55 -5.81 -9.84 -27.43
C GLU D 55 -5.98 -8.50 -26.73
N THR D 56 -5.56 -7.43 -27.38
CA THR D 56 -5.68 -6.10 -26.79
C THR D 56 -7.04 -5.51 -27.19
N PRO D 57 -7.44 -4.41 -26.53
CA PRO D 57 -8.73 -3.77 -26.84
C PRO D 57 -8.81 -3.34 -28.31
N LEU D 58 -7.66 -3.24 -28.97
CA LEU D 58 -7.65 -2.83 -30.37
C LEU D 58 -8.05 -3.98 -31.30
N GLY D 59 -8.39 -5.13 -30.71
CA GLY D 59 -8.81 -6.26 -31.51
C GLY D 59 -7.72 -7.03 -32.23
N VAL D 60 -6.48 -6.92 -31.75
CA VAL D 60 -5.38 -7.62 -32.37
C VAL D 60 -4.67 -8.45 -31.31
N LYS D 61 -4.09 -9.56 -31.74
CA LYS D 61 -3.38 -10.41 -30.81
C LYS D 61 -1.90 -10.17 -30.98
N THR D 62 -1.17 -10.24 -29.87
CA THR D 62 0.25 -10.04 -29.90
C THR D 62 0.87 -11.01 -28.91
N LYS D 63 2.18 -11.18 -28.98
CA LYS D 63 2.86 -12.09 -28.09
C LYS D 63 2.98 -11.50 -26.70
N GLY D 64 2.87 -12.35 -25.70
CA GLY D 64 2.97 -11.92 -24.33
C GLY D 64 3.84 -12.91 -23.58
N VAL D 65 3.98 -12.67 -22.28
CA VAL D 65 4.79 -13.53 -21.44
C VAL D 65 3.98 -13.94 -20.23
N ASP D 66 4.16 -15.19 -19.81
CA ASP D 66 3.49 -15.70 -18.63
C ASP D 66 4.52 -16.46 -17.82
N ILE D 67 4.72 -16.04 -16.57
CA ILE D 67 5.68 -16.70 -15.70
C ILE D 67 4.88 -17.65 -14.81
N THR D 68 4.67 -18.88 -15.30
CA THR D 68 3.90 -19.88 -14.57
C THR D 68 4.44 -20.18 -13.18
N ASP D 69 5.76 -20.03 -12.99
CA ASP D 69 6.39 -20.29 -11.70
C ASP D 69 5.83 -19.43 -10.56
N LEU D 70 5.24 -18.28 -10.91
CA LEU D 70 4.67 -17.39 -9.91
C LEU D 70 3.54 -18.06 -9.12
N ASN D 71 2.96 -19.10 -9.71
CA ASN D 71 1.88 -19.84 -9.05
C ASN D 71 2.40 -20.86 -8.05
N ASN D 72 3.69 -21.20 -8.15
CA ASN D 72 4.28 -22.21 -7.28
C ASN D 72 5.47 -21.70 -6.47
N ILE D 73 5.17 -20.98 -5.40
CA ILE D 73 6.22 -20.41 -4.55
C ILE D 73 5.93 -20.67 -3.09
N VAL D 74 6.97 -21.05 -2.35
CA VAL D 74 6.81 -21.25 -0.91
C VAL D 74 7.88 -20.36 -0.27
N ILE D 75 7.45 -19.41 0.53
CA ILE D 75 8.38 -18.52 1.20
C ILE D 75 8.57 -18.96 2.65
N ILE D 76 9.83 -19.13 3.05
CA ILE D 76 10.14 -19.54 4.41
C ILE D 76 10.79 -18.39 5.16
N ASN D 77 10.15 -18.01 6.27
CA ASN D 77 10.64 -16.92 7.12
C ASN D 77 11.51 -17.50 8.23
N ILE D 78 12.82 -17.29 8.18
CA ILE D 78 13.68 -17.77 9.25
C ILE D 78 13.48 -16.74 10.36
N LEU D 79 13.06 -17.21 11.53
CA LEU D 79 12.77 -16.32 12.65
C LEU D 79 13.92 -15.54 13.26
N ARG D 80 13.80 -14.21 13.15
CA ARG D 80 14.76 -13.26 13.71
C ARG D 80 14.30 -11.87 13.28
N ALA D 81 14.40 -11.60 11.98
CA ALA D 81 14.00 -10.30 11.45
C ALA D 81 13.59 -10.42 9.97
N ALA D 82 13.02 -11.57 9.61
CA ALA D 82 12.62 -11.81 8.24
C ALA D 82 11.17 -11.39 7.94
N VAL D 83 10.40 -11.10 8.98
CA VAL D 83 9.01 -10.70 8.78
C VAL D 83 8.86 -9.55 7.78
N PRO D 84 9.66 -8.47 7.92
CA PRO D 84 9.56 -7.34 6.98
C PRO D 84 10.07 -7.75 5.59
N LEU D 85 11.10 -8.59 5.58
CA LEU D 85 11.68 -9.06 4.34
C LEU D 85 10.67 -9.90 3.58
N VAL D 86 10.01 -10.79 4.29
CA VAL D 86 9.01 -11.65 3.69
C VAL D 86 7.78 -10.85 3.28
N GLU D 87 7.51 -9.76 3.99
CA GLU D 87 6.36 -8.92 3.64
C GLU D 87 6.56 -8.42 2.21
N GLY D 88 7.78 -7.98 1.94
CA GLY D 88 8.09 -7.48 0.62
C GLY D 88 8.09 -8.60 -0.40
N LEU D 89 8.62 -9.76 -0.01
CA LEU D 89 8.65 -10.90 -0.92
C LEU D 89 7.23 -11.36 -1.28
N LEU D 90 6.34 -11.35 -0.30
CA LEU D 90 4.97 -11.78 -0.54
C LEU D 90 4.22 -10.80 -1.44
N LYS D 91 4.67 -9.57 -1.51
CA LYS D 91 4.03 -8.59 -2.38
C LYS D 91 4.48 -8.92 -3.81
N ALA D 92 5.69 -9.44 -3.91
CA ALA D 92 6.25 -9.82 -5.20
C ALA D 92 5.64 -11.14 -5.68
N PHE D 93 5.34 -12.03 -4.73
CA PHE D 93 4.77 -13.34 -5.04
C PHE D 93 3.50 -13.58 -4.22
N PRO D 94 2.41 -12.86 -4.55
CA PRO D 94 1.12 -12.96 -3.86
C PRO D 94 0.54 -14.38 -3.77
N LYS D 95 0.89 -15.23 -4.72
CA LYS D 95 0.36 -16.60 -4.72
C LYS D 95 1.20 -17.53 -3.86
N ALA D 96 2.27 -16.99 -3.26
CA ALA D 96 3.14 -17.81 -2.43
C ALA D 96 2.49 -18.25 -1.13
N ARG D 97 2.86 -19.43 -0.66
CA ARG D 97 2.38 -19.89 0.63
C ARG D 97 3.57 -19.51 1.49
N GLN D 98 3.35 -19.32 2.78
CA GLN D 98 4.45 -18.89 3.63
C GLN D 98 4.56 -19.66 4.93
N GLY D 99 5.79 -19.98 5.31
CA GLY D 99 6.00 -20.73 6.53
C GLY D 99 7.04 -20.02 7.38
N VAL D 100 7.24 -20.53 8.59
CA VAL D 100 8.21 -19.97 9.50
C VAL D 100 9.06 -21.10 10.06
N ILE D 101 10.27 -20.77 10.46
CA ILE D 101 11.16 -21.75 11.05
C ILE D 101 12.16 -21.01 11.90
N GLY D 102 12.48 -21.57 13.05
CA GLY D 102 13.44 -20.94 13.93
C GLY D 102 14.51 -21.92 14.33
N ALA D 103 15.75 -21.45 14.37
CA ALA D 103 16.87 -22.28 14.77
C ALA D 103 17.67 -21.50 15.81
N SER D 104 18.27 -22.23 16.75
CA SER D 104 19.05 -21.60 17.80
C SER D 104 20.26 -22.46 18.16
N ARG D 105 21.24 -21.85 18.81
CA ARG D 105 22.43 -22.58 19.22
C ARG D 105 22.18 -23.24 20.57
N VAL D 106 23.04 -24.17 20.95
CA VAL D 106 22.90 -24.88 22.22
C VAL D 106 21.62 -25.71 22.27
N PRO D 114 34.56 -18.70 10.87
CA PRO D 114 35.10 -18.29 12.17
C PRO D 114 34.25 -18.80 13.33
N LYS D 115 33.42 -19.81 13.05
CA LYS D 115 32.55 -20.41 14.06
C LYS D 115 31.70 -21.49 13.41
N ASP D 116 31.53 -22.60 14.12
CA ASP D 116 30.74 -23.71 13.61
C ASP D 116 29.84 -24.31 14.68
N MET D 117 29.62 -23.56 15.76
CA MET D 117 28.77 -24.03 16.84
C MET D 117 27.43 -24.43 16.20
N ASP D 118 26.99 -25.64 16.48
CA ASP D 118 25.76 -26.19 15.90
C ASP D 118 24.46 -25.54 16.34
N VAL D 119 23.48 -25.56 15.45
CA VAL D 119 22.17 -25.01 15.74
C VAL D 119 21.10 -26.08 15.60
N TYR D 120 19.95 -25.85 16.20
CA TYR D 120 18.87 -26.81 16.12
C TYR D 120 17.58 -26.07 15.84
N ILE D 121 16.66 -26.74 15.16
CA ILE D 121 15.37 -26.13 14.85
C ILE D 121 14.45 -26.30 16.06
N TYR D 122 14.02 -25.17 16.64
CA TYR D 122 13.16 -25.23 17.80
C TYR D 122 11.68 -25.09 17.43
N TYR D 123 11.42 -24.59 16.23
CA TYR D 123 10.05 -24.45 15.77
C TYR D 123 9.99 -24.41 14.26
N LYS D 124 8.95 -25.02 13.71
CA LYS D 124 8.78 -25.05 12.27
C LYS D 124 7.34 -25.30 11.86
N LYS D 125 6.84 -24.46 10.98
CA LYS D 125 5.50 -24.61 10.43
C LYS D 125 5.62 -24.14 9.00
N ILE D 126 5.80 -25.10 8.10
CA ILE D 126 5.97 -24.80 6.69
C ILE D 126 4.95 -25.53 5.85
N PRO D 127 4.30 -24.82 4.92
CA PRO D 127 3.31 -25.45 4.05
C PRO D 127 3.93 -26.54 3.20
N ASP D 128 3.10 -27.48 2.75
CA ASP D 128 3.58 -28.58 1.93
C ASP D 128 4.29 -28.08 0.68
N ILE D 129 5.50 -28.59 0.46
CA ILE D 129 6.29 -28.23 -0.70
C ILE D 129 6.16 -29.32 -1.76
N ARG D 130 5.69 -28.93 -2.94
CA ARG D 130 5.51 -29.87 -4.03
C ARG D 130 6.81 -30.13 -4.76
N ALA D 131 7.28 -31.37 -4.67
CA ALA D 131 8.53 -31.77 -5.31
C ALA D 131 8.57 -31.47 -6.80
N LYS D 132 9.71 -30.99 -7.26
CA LYS D 132 9.93 -30.67 -8.67
C LYS D 132 9.05 -29.55 -9.22
N VAL D 133 8.15 -29.01 -8.39
CA VAL D 133 7.25 -27.96 -8.85
C VAL D 133 7.45 -26.61 -8.16
N ASP D 134 7.54 -26.64 -6.84
CA ASP D 134 7.70 -25.41 -6.06
C ASP D 134 9.07 -24.76 -6.06
N ASN D 135 9.05 -23.44 -6.05
CA ASN D 135 10.26 -22.65 -5.97
C ASN D 135 10.22 -22.19 -4.52
N VAL D 136 11.20 -22.62 -3.73
CA VAL D 136 11.24 -22.24 -2.32
C VAL D 136 12.18 -21.08 -2.11
N ILE D 137 11.70 -20.06 -1.40
CA ILE D 137 12.50 -18.88 -1.12
C ILE D 137 12.68 -18.79 0.39
N ILE D 138 13.92 -18.91 0.82
CA ILE D 138 14.27 -18.84 2.24
C ILE D 138 14.81 -17.46 2.55
N ALA D 139 14.13 -16.76 3.45
CA ALA D 139 14.54 -15.41 3.80
C ALA D 139 15.12 -15.22 5.19
N ASP D 140 16.24 -14.52 5.22
CA ASP D 140 16.95 -14.17 6.45
C ASP D 140 17.86 -13.02 6.05
N PRO D 141 17.63 -11.83 6.60
CA PRO D 141 18.45 -10.66 6.29
C PRO D 141 19.95 -10.84 6.48
N MET D 142 20.34 -11.74 7.39
CA MET D 142 21.76 -11.96 7.65
C MET D 142 22.19 -13.42 7.57
N ILE D 143 23.32 -13.64 6.91
CA ILE D 143 23.90 -14.98 6.79
C ILE D 143 25.33 -14.79 7.28
N ALA D 144 25.61 -15.26 8.49
CA ALA D 144 26.93 -15.12 9.09
C ALA D 144 27.73 -16.42 9.00
N THR D 145 27.58 -17.30 9.99
CA THR D 145 28.29 -18.57 9.96
C THR D 145 27.57 -19.48 8.97
N ALA D 146 26.32 -19.14 8.67
CA ALA D 146 25.47 -19.90 7.77
C ALA D 146 24.99 -21.19 8.42
N SER D 147 25.26 -21.35 9.71
CA SER D 147 24.81 -22.55 10.41
C SER D 147 23.29 -22.63 10.36
N THR D 148 22.64 -21.49 10.60
CA THR D 148 21.19 -21.44 10.57
C THR D 148 20.65 -21.78 9.19
N MET D 149 21.15 -21.10 8.17
CA MET D 149 20.70 -21.34 6.81
C MET D 149 20.95 -22.80 6.39
N LEU D 150 22.11 -23.35 6.76
CA LEU D 150 22.41 -24.73 6.40
C LEU D 150 21.48 -25.70 7.12
N LYS D 151 21.15 -25.38 8.37
CA LYS D 151 20.25 -26.22 9.15
C LYS D 151 18.89 -26.24 8.48
N VAL D 152 18.43 -25.08 8.03
CA VAL D 152 17.13 -24.97 7.37
C VAL D 152 17.14 -25.69 6.02
N LEU D 153 18.25 -25.56 5.28
CA LEU D 153 18.36 -26.20 3.98
C LEU D 153 18.31 -27.71 4.09
N GLU D 154 18.81 -28.24 5.21
CA GLU D 154 18.79 -29.68 5.42
C GLU D 154 17.39 -30.22 5.19
N GLU D 155 16.40 -29.56 5.78
CA GLU D 155 15.01 -29.99 5.64
C GLU D 155 14.41 -29.64 4.29
N VAL D 156 14.64 -28.42 3.81
CA VAL D 156 14.08 -27.98 2.54
C VAL D 156 14.49 -28.85 1.36
N VAL D 157 15.79 -29.14 1.25
CA VAL D 157 16.30 -29.94 0.15
C VAL D 157 15.62 -31.30 0.07
N LYS D 158 15.17 -31.82 1.22
CA LYS D 158 14.50 -33.11 1.29
C LYS D 158 13.17 -33.08 0.53
N ALA D 159 12.59 -31.89 0.42
CA ALA D 159 11.31 -31.73 -0.29
C ALA D 159 11.50 -31.76 -1.79
N ASN D 160 12.75 -31.79 -2.23
CA ASN D 160 13.07 -31.85 -3.65
C ASN D 160 12.33 -30.79 -4.49
N PRO D 161 12.35 -29.52 -4.03
CA PRO D 161 11.66 -28.48 -4.79
C PRO D 161 12.30 -28.24 -6.16
N LYS D 162 11.56 -27.58 -7.04
CA LYS D 162 12.07 -27.28 -8.37
C LYS D 162 13.33 -26.43 -8.24
N ARG D 163 13.25 -25.41 -7.39
CA ARG D 163 14.37 -24.52 -7.16
C ARG D 163 14.38 -24.02 -5.72
N ILE D 164 15.55 -23.59 -5.28
CA ILE D 164 15.68 -23.05 -3.94
C ILE D 164 16.42 -21.73 -4.06
N TYR D 165 15.76 -20.68 -3.55
CA TYR D 165 16.33 -19.35 -3.55
C TYR D 165 16.59 -18.97 -2.10
N ILE D 166 17.62 -18.18 -1.89
CA ILE D 166 17.92 -17.67 -0.57
C ILE D 166 17.91 -16.16 -0.73
N VAL D 167 17.22 -15.49 0.18
CA VAL D 167 17.13 -14.05 0.14
C VAL D 167 17.74 -13.50 1.42
N SER D 168 18.84 -12.79 1.29
CA SER D 168 19.51 -12.21 2.44
C SER D 168 19.90 -10.79 2.06
N ILE D 169 20.25 -9.98 3.05
CA ILE D 169 20.65 -8.61 2.78
C ILE D 169 22.16 -8.56 2.79
N ILE D 170 22.74 -9.09 3.87
CA ILE D 170 24.18 -9.14 3.99
C ILE D 170 24.58 -10.58 4.29
N SER D 171 25.55 -11.09 3.54
CA SER D 171 26.02 -12.45 3.74
C SER D 171 27.53 -12.35 3.91
N SER D 172 28.11 -13.25 4.70
CA SER D 172 29.55 -13.24 4.91
C SER D 172 30.22 -14.03 3.79
N GLU D 173 31.46 -13.69 3.48
CA GLU D 173 32.20 -14.41 2.44
C GLU D 173 32.22 -15.88 2.84
N TYR D 174 32.43 -16.12 4.14
CA TYR D 174 32.48 -17.47 4.67
C TYR D 174 31.17 -18.21 4.42
N GLY D 175 30.05 -17.56 4.76
CA GLY D 175 28.75 -18.19 4.59
C GLY D 175 28.36 -18.43 3.15
N VAL D 176 28.68 -17.48 2.28
CA VAL D 176 28.38 -17.60 0.86
C VAL D 176 29.07 -18.83 0.30
N ASN D 177 30.36 -18.94 0.58
CA ASN D 177 31.14 -20.08 0.11
C ASN D 177 30.65 -21.40 0.69
N LYS D 178 30.35 -21.40 1.98
CA LYS D 178 29.89 -22.62 2.64
C LYS D 178 28.58 -23.15 2.07
N ILE D 179 27.61 -22.26 1.89
CA ILE D 179 26.31 -22.67 1.36
C ILE D 179 26.39 -23.12 -0.09
N LEU D 180 27.03 -22.31 -0.95
CA LEU D 180 27.11 -22.63 -2.36
C LEU D 180 28.05 -23.78 -2.71
N SER D 181 28.95 -24.14 -1.80
CA SER D 181 29.84 -25.26 -2.04
C SER D 181 29.09 -26.54 -1.74
N LYS D 182 28.23 -26.49 -0.72
CA LYS D 182 27.45 -27.66 -0.34
C LYS D 182 26.26 -27.85 -1.27
N TYR D 183 25.62 -26.74 -1.64
CA TYR D 183 24.46 -26.79 -2.53
C TYR D 183 24.67 -25.83 -3.70
N PRO D 184 25.43 -26.26 -4.71
CA PRO D 184 25.74 -25.48 -5.91
C PRO D 184 24.54 -25.02 -6.73
N PHE D 185 23.42 -25.73 -6.58
CA PHE D 185 22.21 -25.43 -7.32
C PHE D 185 21.34 -24.32 -6.74
N ILE D 186 21.66 -23.88 -5.53
CA ILE D 186 20.88 -22.84 -4.88
C ILE D 186 21.14 -21.47 -5.46
N TYR D 187 20.09 -20.66 -5.55
CA TYR D 187 20.18 -19.30 -6.05
C TYR D 187 20.26 -18.40 -4.83
N LEU D 188 21.46 -17.90 -4.54
CA LEU D 188 21.65 -17.05 -3.38
C LEU D 188 21.67 -15.57 -3.76
N PHE D 189 20.64 -14.84 -3.31
CA PHE D 189 20.55 -13.42 -3.57
C PHE D 189 20.92 -12.67 -2.30
N THR D 190 21.76 -11.66 -2.44
CA THR D 190 22.19 -10.87 -1.31
C THR D 190 22.53 -9.50 -1.86
N VAL D 191 22.53 -8.49 -0.98
CA VAL D 191 22.83 -7.14 -1.42
C VAL D 191 24.32 -6.88 -1.30
N ALA D 192 24.91 -7.39 -0.22
CA ALA D 192 26.33 -7.22 0.00
C ALA D 192 26.94 -8.45 0.65
N ILE D 193 28.22 -8.63 0.40
CA ILE D 193 28.96 -9.74 0.99
C ILE D 193 30.07 -9.10 1.80
N ASP D 194 29.96 -9.22 3.13
CA ASP D 194 30.95 -8.64 4.02
C ASP D 194 32.05 -9.66 4.25
N PRO D 195 33.29 -9.19 4.44
CA PRO D 195 34.49 -10.00 4.66
C PRO D 195 34.65 -10.85 5.91
N GLU D 196 34.25 -10.36 7.08
CA GLU D 196 34.46 -11.15 8.28
C GLU D 196 33.35 -11.27 9.31
N LEU D 197 33.62 -12.12 10.29
CA LEU D 197 32.72 -12.38 11.41
C LEU D 197 33.54 -12.21 12.68
N ASN D 198 32.92 -11.81 13.79
CA ASN D 198 33.67 -11.68 15.02
C ASN D 198 33.41 -12.91 15.88
N ASN D 199 34.06 -12.96 17.04
CA ASN D 199 33.92 -14.09 17.95
C ASN D 199 32.47 -14.46 18.24
N LYS D 200 31.63 -13.44 18.46
CA LYS D 200 30.22 -13.66 18.77
C LYS D 200 29.42 -14.17 17.57
N GLY D 201 29.97 -14.01 16.36
CA GLY D 201 29.27 -14.48 15.19
C GLY D 201 28.63 -13.35 14.39
N TYR D 202 28.94 -12.11 14.76
CA TYR D 202 28.38 -10.97 14.04
C TYR D 202 29.15 -10.71 12.77
N ILE D 203 28.44 -10.21 11.76
CA ILE D 203 29.06 -9.88 10.49
C ILE D 203 29.64 -8.49 10.62
N LEU D 204 30.87 -8.32 10.15
CA LEU D 204 31.56 -7.03 10.20
C LEU D 204 31.85 -6.59 8.77
N PRO D 205 31.53 -5.33 8.43
CA PRO D 205 30.93 -4.34 9.34
C PRO D 205 29.45 -4.62 9.64
N GLY D 206 28.81 -5.40 8.79
CA GLY D 206 27.42 -5.77 8.98
C GLY D 206 26.43 -4.66 9.31
N LEU D 207 25.48 -4.97 10.19
CA LEU D 207 24.48 -4.00 10.60
C LEU D 207 23.95 -4.29 12.00
N GLY D 208 24.61 -5.21 12.70
CA GLY D 208 24.21 -5.56 14.05
C GLY D 208 23.27 -6.75 14.07
N ASP D 209 22.53 -6.90 15.16
CA ASP D 209 21.56 -7.98 15.32
C ASP D 209 20.29 -7.51 14.62
N ALA D 210 19.98 -8.11 13.48
CA ALA D 210 18.79 -7.72 12.71
C ALA D 210 17.51 -7.74 13.54
N GLY D 211 17.40 -8.69 14.46
CA GLY D 211 16.20 -8.77 15.29
C GLY D 211 16.04 -7.54 16.16
N ASP D 212 17.16 -7.08 16.72
CA ASP D 212 17.12 -5.91 17.59
C ASP D 212 16.89 -4.65 16.76
N ARG D 213 17.51 -4.60 15.58
CA ARG D 213 17.36 -3.44 14.69
C ARG D 213 15.91 -3.28 14.22
N ALA D 214 15.22 -4.40 14.02
CA ALA D 214 13.85 -4.37 13.53
C ALA D 214 12.77 -4.29 14.59
N PHE D 215 12.95 -4.98 15.71
CA PHE D 215 11.92 -4.99 16.74
C PHE D 215 12.37 -4.55 18.12
N GLY D 216 13.59 -4.03 18.21
CA GLY D 216 14.11 -3.58 19.49
C GLY D 216 13.79 -2.13 19.77
N1 U5P E . -6.73 -19.89 16.61
C2 U5P E . -7.14 -19.77 15.23
N3 U5P E . -8.49 -20.13 14.95
C4 U5P E . -9.38 -20.58 15.94
C5 U5P E . -8.94 -20.70 17.31
C6 U5P E . -7.54 -20.33 17.64
O2 U5P E . -6.32 -19.35 14.28
O4 U5P E . -10.53 -20.87 15.61
C1' U5P E . -5.27 -19.49 16.94
C2' U5P E . -4.89 -18.03 16.59
O2' U5P E . -3.93 -18.05 15.59
C3' U5P E . -4.46 -17.38 17.97
C4' U5P E . -4.59 -18.46 18.97
O3' U5P E . -3.07 -16.97 17.81
O4' U5P E . -5.06 -19.70 18.34
C5' U5P E . -5.59 -18.25 20.04
O5' U5P E . -6.30 -19.30 20.59
P U5P E . -6.43 -19.27 22.14
O1P U5P E . -7.26 -18.03 22.41
O2P U5P E . -7.13 -20.57 22.53
O3P U5P E . -5.05 -19.21 22.76
N1 U5P F . -11.68 26.27 -3.00
C2 U5P F . -10.46 26.04 -2.32
N3 U5P F . -10.30 26.71 -1.09
C4 U5P F . -11.28 27.54 -0.58
C5 U5P F . -12.51 27.74 -1.33
C6 U5P F . -12.60 27.06 -2.52
O2 U5P F . -9.50 25.25 -2.80
O4 U5P F . -11.09 28.11 0.49
C1' U5P F . -11.86 25.56 -4.35
C2' U5P F . -12.84 24.38 -4.32
O2' U5P F . -12.19 23.23 -3.95
C3' U5P F . -13.48 24.43 -5.75
C4' U5P F . -13.33 25.86 -6.19
O3' U5P F . -12.68 23.53 -6.60
O4' U5P F . -12.33 26.53 -5.30
C5' U5P F . -14.56 26.69 -6.13
O5' U5P F . -15.50 26.20 -5.14
P U5P F . -16.89 26.87 -4.94
O1P U5P F . -17.54 26.71 -6.29
O2P U5P F . -17.59 26.08 -3.85
O3P U5P F . -16.70 28.32 -4.53
C ACY G . -7.12 17.29 -8.72
O ACY G . -8.42 17.30 -8.72
OXT ACY G . -6.35 16.88 -7.78
CH3 ACY G . -6.50 17.85 -10.00
N1 U5P H . -3.47 7.30 -25.49
C2 U5P H . -3.95 6.10 -24.90
N3 U5P H . -3.83 4.91 -25.70
C4 U5P H . -3.29 4.93 -27.00
C5 U5P H . -2.83 6.17 -27.57
C6 U5P H . -2.92 7.39 -26.76
O2 U5P H . -4.48 6.06 -23.68
O4 U5P H . -3.23 3.88 -27.63
C1' U5P H . -3.57 8.60 -24.64
C2' U5P H . -2.81 8.56 -23.29
O2' U5P H . -3.74 8.67 -22.27
C3' U5P H . -1.75 9.73 -23.39
C4' U5P H . -1.94 10.34 -24.72
O3' U5P H . -2.06 10.68 -22.32
O4' U5P H . -3.03 9.67 -25.43
C5' U5P H . -0.82 10.21 -25.65
O5' U5P H . -1.02 10.13 -27.02
P U5P H . -0.12 11.07 -27.90
O1P U5P H . 1.29 10.58 -27.63
O2P U5P H . -0.58 10.85 -29.32
O3P U5P H . -0.33 12.51 -27.45
N1 U5P I . 22.70 -12.47 12.64
C2 U5P I . 22.40 -11.10 12.78
N3 U5P I . 23.48 -10.20 12.64
C4 U5P I . 24.77 -10.66 12.39
C5 U5P I . 25.01 -12.07 12.25
C6 U5P I . 23.92 -12.90 12.40
O2 U5P I . 21.18 -10.65 13.04
O4 U5P I . 25.67 -9.85 12.26
C1' U5P I . 21.54 -13.45 12.81
C2' U5P I . 21.05 -14.11 11.51
O2' U5P I . 20.10 -13.32 10.91
C3' U5P I . 20.60 -15.55 11.99
C4' U5P I . 21.40 -15.79 13.24
O3' U5P I . 19.15 -15.45 12.29
O4' U5P I . 21.96 -14.49 13.71
C5' U5P I . 22.55 -16.71 13.11
O5' U5P I . 23.08 -16.73 11.77
P U5P I . 24.26 -17.67 11.39
O1P U5P I . 23.73 -19.05 11.67
O2P U5P I . 24.53 -17.44 9.90
O3P U5P I . 25.48 -17.32 12.22
C ACY J . 11.11 -12.20 12.21
O ACY J . 11.64 -13.19 11.57
OXT ACY J . 10.96 -11.00 11.79
CH3 ACY J . 10.64 -12.57 13.62
#